data_6Z6W
#
_entry.id   6Z6W
#
_cell.length_a   1.00
_cell.length_b   1.00
_cell.length_c   1.00
_cell.angle_alpha   90.00
_cell.angle_beta   90.00
_cell.angle_gamma   90.00
#
_symmetry.space_group_name_H-M   'P 1'
#
loop_
_entity.id
_entity.type
_entity.pdbx_description
1 polymer 'Capsid proteins, VP1'
2 polymer 'Capsid proteins, VP0'
3 polymer 'Capsid proteins, VP3'
4 non-polymer SPHINGOSINE
#
loop_
_entity_poly.entity_id
_entity_poly.type
_entity_poly.pdbx_seq_one_letter_code
_entity_poly.pdbx_strand_id
1 'polypeptide(L)'
;GIEDLITEVAQGALTLSLPKQQDSLPDTKASGPAHSKEVPALTAVETGATNPLVPSDTVQTRHVIQRRSRSESTIESFFA
RGACVAIIEVDNEEPTTRAQKLFAMWRITYKDTVQLRRKLEFFTYSRFDMELTFVVTANFTNTNNGHALNQVYQIMYIPP
GAPTPKSWDDYTWQTSSNPSIFYTYGAAPARISVPYVGLANAYSHFYDGFAKVPLKTDANDQIGDSLYSAMTVDDFGVLA
IRVVNDHNPTKVTSKVRIYMKPKHVRVWCPRPPRAVPYYGPGVDYKDNLNPLSEKGLTTY
;
1
2 'polypeptide(L)'
;MGAQVSSQKVGAHENSNRAYGGSTINYTTINYYKDSASNAASKQDYSQDPSKFTEPLKDVLIKTAPALNSPNVEACGYSD
RVLQLTIGNSTITTQEAANSVVAYGRWPEFIRDDEANPVDQPTEPDVATCRFYTLDTVMWGKESKGWWWKLPDALRDMGL
FGQNMYYHYLGRSGYTVHVQCNASKFHQGALGVFAIPEYCLAGDSDKQRYTSYANANPGEKGGKFYSQFNRDTAVTSPKR
EFCPVDYLLGCGVLLGNAFVYPHQIINLRTNNSATIVLPYVNAMAIDSMVKHNNWGIAILPLSPLDFAQESSVEIPITVT
IAPMCSEFNGLRNVTAPKFQ
;
0
3 'polypeptide(L)'
;GLPVLNTPGSNQYLTSDNYQSPCAIPEFDVTPPIDIPGEVKNMMELAEIDTMIPLNLENTKRNTMDMYRVTLSDSADLSQ
PILCFSLSPASDPRLSHTMLGEVLNYYTHWAGSLKFTFLFCGSMMATGKILVAYAPPGAQPPTSRKEAMLGTHVIWDLGL
QSSCTMVVPWISNVTYRQTTQDSFTEGGYISMFYQTRIVVPLSTPKSMSMLGFVSACNDFSVRLLRDTTHISQSALPQ
;
3
#
loop_
_chem_comp.id
_chem_comp.type
_chem_comp.name
_chem_comp.formula
SPH non-polymer SPHINGOSINE 'C18 H37 N O2'
#
# COMPACT_ATOMS: atom_id res chain seq x y z
N GLN A 66 -21.96 -9.13 -11.81
CA GLN A 66 -22.98 -9.33 -12.82
C GLN A 66 -24.36 -9.11 -12.21
N ARG A 67 -24.90 -10.13 -11.56
CA ARG A 67 -26.16 -10.01 -10.84
C ARG A 67 -25.97 -9.81 -9.34
N ARG A 68 -24.82 -10.19 -8.80
CA ARG A 68 -24.53 -10.00 -7.38
C ARG A 68 -24.03 -8.58 -7.14
N SER A 69 -24.62 -7.92 -6.16
CA SER A 69 -24.33 -6.51 -5.92
C SER A 69 -23.03 -6.36 -5.14
N ARG A 70 -22.40 -5.20 -5.30
CA ARG A 70 -21.15 -4.86 -4.64
C ARG A 70 -21.37 -4.00 -3.40
N SER A 71 -22.50 -4.17 -2.72
CA SER A 71 -22.84 -3.28 -1.61
C SER A 71 -21.85 -3.42 -0.47
N GLU A 72 -21.59 -4.65 -0.02
CA GLU A 72 -20.69 -4.84 1.11
C GLU A 72 -19.25 -4.50 0.75
N SER A 73 -18.91 -4.44 -0.53
CA SER A 73 -17.55 -4.18 -0.96
C SER A 73 -17.25 -2.70 -1.15
N THR A 74 -18.26 -1.84 -1.01
CA THR A 74 -18.04 -0.42 -1.21
C THR A 74 -17.07 0.12 -0.16
N ILE A 75 -16.42 1.23 -0.49
CA ILE A 75 -15.49 1.85 0.44
C ILE A 75 -16.23 2.31 1.69
N GLU A 76 -17.45 2.85 1.51
CA GLU A 76 -18.25 3.22 2.66
C GLU A 76 -18.56 2.03 3.52
N SER A 77 -18.79 0.86 2.90
CA SER A 77 -19.07 -0.35 3.65
C SER A 77 -17.80 -0.99 4.19
N PHE A 78 -16.69 -0.84 3.48
CA PHE A 78 -15.44 -1.45 3.94
C PHE A 78 -14.94 -0.80 5.22
N PHE A 79 -15.22 0.50 5.41
CA PHE A 79 -14.85 1.21 6.62
C PHE A 79 -16.05 1.51 7.51
N ALA A 80 -17.20 0.89 7.25
CA ALA A 80 -18.39 1.14 8.04
C ALA A 80 -18.27 0.64 9.48
N ARG A 81 -17.23 -0.11 9.80
CA ARG A 81 -17.05 -0.65 11.13
C ARG A 81 -16.20 0.30 11.97
N GLY A 82 -16.59 0.47 13.22
CA GLY A 82 -15.83 1.27 14.16
C GLY A 82 -14.68 0.50 14.78
N ALA A 83 -13.47 1.03 14.65
CA ALA A 83 -12.27 0.33 15.06
C ALA A 83 -11.63 1.01 16.25
N CYS A 84 -11.29 0.22 17.26
CA CYS A 84 -10.54 0.76 18.40
C CYS A 84 -9.22 1.32 17.90
N VAL A 85 -9.06 2.63 18.06
CA VAL A 85 -7.84 3.30 17.63
C VAL A 85 -6.96 3.66 18.81
N ALA A 86 -7.49 3.64 20.03
CA ALA A 86 -6.69 4.00 21.19
C ALA A 86 -7.43 3.60 22.45
N ILE A 87 -6.65 3.29 23.48
CA ILE A 87 -7.14 2.97 24.81
C ILE A 87 -6.42 3.91 25.77
N ILE A 88 -7.17 4.81 26.39
CA ILE A 88 -6.61 5.86 27.24
C ILE A 88 -6.92 5.51 28.69
N GLU A 89 -5.88 5.41 29.50
CA GLU A 89 -6.01 5.12 30.92
C GLU A 89 -6.07 6.43 31.70
N VAL A 90 -7.17 6.64 32.41
CA VAL A 90 -7.40 7.85 33.18
C VAL A 90 -7.75 7.45 34.60
N ASP A 91 -7.02 7.97 35.57
CA ASP A 91 -7.23 7.67 36.97
C ASP A 91 -7.63 8.92 37.73
N ASN A 92 -8.24 8.71 38.89
CA ASN A 92 -8.58 9.78 39.82
C ASN A 92 -7.76 9.66 41.10
N GLU A 93 -6.52 9.21 40.96
CA GLU A 93 -5.64 9.01 42.10
C GLU A 93 -5.28 10.34 42.73
N GLU A 94 -4.51 10.28 43.80
CA GLU A 94 -4.06 11.47 44.49
C GLU A 94 -2.85 12.07 43.80
N PRO A 95 -2.56 13.35 44.05
CA PRO A 95 -1.38 13.96 43.42
C PRO A 95 -0.08 13.44 44.00
N THR A 96 0.33 12.25 43.57
CA THR A 96 1.56 11.63 44.05
C THR A 96 2.74 11.94 43.13
N GLN A 100 0.28 11.11 38.03
CA GLN A 100 0.33 11.77 36.72
C GLN A 100 -0.82 11.29 35.83
N LYS A 101 -1.48 10.21 36.26
CA LYS A 101 -2.57 9.61 35.51
C LYS A 101 -3.91 10.31 35.74
N LEU A 102 -3.89 11.52 36.31
CA LEU A 102 -5.14 12.24 36.52
C LEU A 102 -5.86 12.51 35.20
N PHE A 103 -5.11 12.93 34.19
CA PHE A 103 -5.63 13.13 32.85
C PHE A 103 -4.67 12.47 31.87
N ALA A 104 -5.08 12.42 30.61
CA ALA A 104 -4.25 11.78 29.59
C ALA A 104 -4.55 12.39 28.22
N MET A 105 -3.49 12.77 27.51
CA MET A 105 -3.59 13.37 26.19
C MET A 105 -3.07 12.36 25.18
N TRP A 106 -3.96 11.86 24.34
CA TRP A 106 -3.61 10.90 23.29
C TRP A 106 -3.59 11.61 21.94
N ARG A 107 -2.46 11.55 21.24
CA ARG A 107 -2.37 12.15 19.93
C ARG A 107 -3.28 11.41 18.96
N ILE A 108 -4.27 12.12 18.43
CA ILE A 108 -5.31 11.50 17.63
C ILE A 108 -4.70 10.94 16.35
N THR A 109 -4.74 9.61 16.22
CA THR A 109 -4.23 8.93 15.04
C THR A 109 -4.68 7.47 15.12
N TYR A 110 -4.85 6.87 13.95
CA TYR A 110 -5.25 5.48 13.85
C TYR A 110 -4.08 4.53 13.85
N LYS A 111 -2.85 5.04 13.95
CA LYS A 111 -1.66 4.21 13.84
C LYS A 111 -1.27 3.57 15.16
N ASP A 112 -2.01 3.81 16.24
CA ASP A 112 -1.76 3.08 17.47
C ASP A 112 -2.23 1.64 17.37
N THR A 113 -3.25 1.39 16.54
CA THR A 113 -3.75 0.05 16.27
C THR A 113 -3.54 -0.28 14.81
N VAL A 114 -3.30 -1.56 14.53
CA VAL A 114 -2.87 -1.96 13.20
C VAL A 114 -4.01 -2.32 12.26
N GLN A 115 -5.20 -2.65 12.78
CA GLN A 115 -6.25 -3.15 11.91
C GLN A 115 -6.82 -2.04 11.03
N LEU A 116 -7.35 -0.98 11.66
CA LEU A 116 -7.88 0.14 10.89
C LEU A 116 -6.78 0.81 10.09
N ARG A 117 -5.57 0.87 10.65
CA ARG A 117 -4.45 1.37 9.88
C ARG A 117 -4.31 0.59 8.58
N ARG A 118 -4.14 -0.73 8.68
CA ARG A 118 -3.97 -1.54 7.48
C ARG A 118 -5.13 -1.35 6.51
N LYS A 119 -6.35 -1.21 7.04
CA LYS A 119 -7.48 -0.94 6.16
C LYS A 119 -7.32 0.38 5.43
N LEU A 120 -6.69 1.37 6.07
CA LEU A 120 -6.51 2.67 5.44
C LEU A 120 -5.29 2.71 4.53
N GLU A 121 -4.21 2.03 4.92
CA GLU A 121 -3.02 1.92 4.09
C GLU A 121 -3.28 1.17 2.80
N PHE A 122 -4.47 0.57 2.66
CA PHE A 122 -4.89 0.02 1.39
C PHE A 122 -4.90 1.07 0.30
N PHE A 123 -4.97 2.35 0.68
CA PHE A 123 -5.06 3.44 -0.27
C PHE A 123 -4.07 4.53 0.12
N THR A 124 -3.67 5.31 -0.88
CA THR A 124 -2.69 6.38 -0.62
C THR A 124 -3.36 7.60 -0.02
N TYR A 125 -4.52 7.99 -0.55
CA TYR A 125 -5.20 9.18 -0.05
C TYR A 125 -6.63 8.85 0.33
N SER A 126 -7.15 9.57 1.32
CA SER A 126 -8.49 9.35 1.83
C SER A 126 -9.15 10.66 2.19
N ARG A 127 -10.47 10.67 2.13
CA ARG A 127 -11.27 11.82 2.55
C ARG A 127 -12.56 11.25 3.15
N PHE A 128 -12.65 11.26 4.48
CA PHE A 128 -13.79 10.65 5.14
C PHE A 128 -14.21 11.49 6.35
N ASP A 129 -15.52 11.56 6.55
CA ASP A 129 -16.09 12.21 7.73
C ASP A 129 -16.06 11.21 8.87
N MET A 130 -15.08 11.35 9.75
CA MET A 130 -14.88 10.39 10.83
C MET A 130 -16.04 10.42 11.81
N GLU A 131 -16.15 9.34 12.58
CA GLU A 131 -17.14 9.21 13.65
C GLU A 131 -16.47 8.50 14.82
N LEU A 132 -16.19 9.25 15.88
CA LEU A 132 -15.52 8.71 17.06
C LEU A 132 -16.54 8.34 18.12
N THR A 133 -16.41 7.13 18.65
CA THR A 133 -17.27 6.64 19.72
C THR A 133 -16.40 6.22 20.89
N PHE A 134 -16.64 6.82 22.05
CA PHE A 134 -15.85 6.58 23.25
C PHE A 134 -16.62 5.64 24.17
N VAL A 135 -16.02 4.49 24.45
CA VAL A 135 -16.57 3.52 25.39
C VAL A 135 -15.68 3.55 26.62
N VAL A 136 -16.23 4.03 27.73
CA VAL A 136 -15.47 4.19 28.97
C VAL A 136 -15.82 3.04 29.91
N THR A 137 -14.81 2.32 30.35
CA THR A 137 -14.98 1.18 31.26
C THR A 137 -14.09 1.42 32.48
N ALA A 138 -14.71 1.53 33.64
CA ALA A 138 -14.00 1.90 34.85
C ALA A 138 -14.00 0.75 35.86
N ASN A 139 -12.99 0.75 36.71
CA ASN A 139 -12.79 -0.32 37.69
C ASN A 139 -12.21 0.29 38.96
N PHE A 140 -12.34 -0.46 40.05
CA PHE A 140 -11.75 -0.08 41.32
C PHE A 140 -10.39 -0.75 41.45
N THR A 141 -9.34 0.04 41.64
CA THR A 141 -7.97 -0.46 41.74
C THR A 141 -7.43 -0.18 43.13
N ASN A 142 -6.62 -1.11 43.64
CA ASN A 142 -6.00 -1.00 44.96
C ASN A 142 -7.04 -0.96 46.08
N THR A 143 -8.25 -1.43 45.81
CA THR A 143 -9.28 -1.47 46.85
C THR A 143 -10.21 -2.65 46.58
N ASN A 144 -10.36 -3.51 47.60
CA ASN A 144 -11.31 -4.61 47.50
C ASN A 144 -12.73 -4.13 47.75
N ASN A 145 -12.90 -3.21 48.69
CA ASN A 145 -14.19 -2.61 49.04
C ASN A 145 -14.06 -1.12 48.76
N GLY A 146 -14.34 -0.72 47.52
CA GLY A 146 -14.19 0.66 47.10
C GLY A 146 -15.52 1.25 46.69
N HIS A 147 -15.67 2.56 46.92
CA HIS A 147 -16.89 3.28 46.60
C HIS A 147 -16.56 4.57 45.88
N ALA A 148 -17.43 4.94 44.95
CA ALA A 148 -17.32 6.20 44.24
C ALA A 148 -18.59 6.42 43.44
N LEU A 149 -19.05 7.66 43.40
CA LEU A 149 -20.26 7.97 42.65
C LEU A 149 -19.97 7.91 41.16
N ASN A 150 -21.05 7.97 40.38
CA ASN A 150 -20.92 7.90 38.93
C ASN A 150 -20.05 9.02 38.41
N GLN A 151 -18.98 8.66 37.72
CA GLN A 151 -18.00 9.61 37.26
C GLN A 151 -18.39 10.20 35.91
N VAL A 152 -18.00 11.45 35.70
CA VAL A 152 -18.19 12.14 34.42
C VAL A 152 -16.81 12.37 33.82
N TYR A 153 -16.64 11.94 32.58
CA TYR A 153 -15.38 12.02 31.88
C TYR A 153 -15.43 13.15 30.86
N GLN A 154 -14.43 14.03 30.91
CA GLN A 154 -14.30 15.12 29.97
C GLN A 154 -13.30 14.71 28.90
N ILE A 155 -13.79 14.60 27.67
CA ILE A 155 -12.97 14.31 26.50
C ILE A 155 -12.91 15.60 25.70
N MET A 156 -11.82 16.34 25.84
CA MET A 156 -11.65 17.64 25.21
C MET A 156 -10.72 17.52 24.01
N TYR A 157 -11.07 18.19 22.92
CA TYR A 157 -10.22 18.28 21.75
C TYR A 157 -9.24 19.42 21.92
N ILE A 158 -7.98 19.16 21.60
CA ILE A 158 -6.96 20.20 21.60
C ILE A 158 -6.33 20.20 20.22
N PRO A 159 -6.92 20.88 19.25
CA PRO A 159 -6.36 20.89 17.92
C PRO A 159 -4.96 21.48 17.95
N PRO A 160 -4.18 21.28 16.89
CA PRO A 160 -2.82 21.81 16.88
C PRO A 160 -2.78 23.30 17.19
N GLY A 161 -2.21 23.65 18.35
CA GLY A 161 -2.06 25.03 18.77
C GLY A 161 -2.77 25.36 20.06
N ALA A 162 -3.93 24.75 20.28
CA ALA A 162 -4.68 25.03 21.50
C ALA A 162 -3.83 24.67 22.72
N PRO A 163 -3.90 25.44 23.78
CA PRO A 163 -3.05 25.16 24.95
C PRO A 163 -3.41 23.82 25.59
N THR A 164 -2.40 22.98 25.78
CA THR A 164 -2.63 21.69 26.39
C THR A 164 -2.60 21.81 27.91
N PRO A 165 -3.41 21.02 28.63
CA PRO A 165 -3.39 21.10 30.09
C PRO A 165 -2.12 20.51 30.66
N LYS A 166 -1.57 21.21 31.66
CA LYS A 166 -0.43 20.72 32.41
C LYS A 166 -0.83 19.99 33.68
N SER A 167 -2.11 19.99 34.03
CA SER A 167 -2.58 19.34 35.23
C SER A 167 -4.07 19.09 35.10
N TRP A 168 -4.62 18.36 36.07
CA TRP A 168 -6.06 18.09 36.05
C TRP A 168 -6.87 19.35 36.30
N ASP A 169 -6.45 20.17 37.26
CA ASP A 169 -7.14 21.41 37.58
C ASP A 169 -6.50 22.57 36.81
N ASP A 170 -6.63 22.49 35.49
CA ASP A 170 -6.07 23.47 34.58
C ASP A 170 -7.19 24.27 33.94
N TYR A 171 -6.87 25.50 33.54
CA TYR A 171 -7.88 26.38 32.97
C TYR A 171 -8.34 25.90 31.60
N THR A 172 -7.47 25.20 30.86
CA THR A 172 -7.81 24.78 29.51
C THR A 172 -9.01 23.84 29.49
N TRP A 173 -9.33 23.21 30.61
CA TRP A 173 -10.49 22.34 30.67
C TRP A 173 -11.80 23.11 30.60
N GLN A 174 -11.76 24.44 30.59
CA GLN A 174 -12.99 25.22 30.52
C GLN A 174 -13.66 25.09 29.17
N THR A 175 -12.89 24.80 28.12
CA THR A 175 -13.41 24.50 26.78
C THR A 175 -14.25 25.67 26.26
N SER A 176 -13.62 26.85 26.24
CA SER A 176 -14.32 28.03 25.74
C SER A 176 -14.47 27.98 24.23
N SER A 177 -13.49 27.41 23.54
CA SER A 177 -13.56 27.23 22.10
C SER A 177 -13.13 25.85 21.65
N ASN A 178 -12.54 25.06 22.54
CA ASN A 178 -12.23 23.67 22.21
C ASN A 178 -13.47 22.81 22.37
N PRO A 179 -13.84 22.02 21.36
CA PRO A 179 -15.00 21.13 21.53
C PRO A 179 -14.68 20.01 22.51
N SER A 180 -15.63 19.73 23.38
CA SER A 180 -15.45 18.75 24.43
C SER A 180 -16.74 18.00 24.69
N ILE A 181 -16.60 16.75 25.12
CA ILE A 181 -17.72 15.91 25.51
C ILE A 181 -17.62 15.67 27.01
N PHE A 182 -18.77 15.62 27.67
CA PHE A 182 -18.85 15.26 29.08
C PHE A 182 -19.74 14.03 29.17
N TYR A 183 -19.11 12.86 29.23
CA TYR A 183 -19.79 11.58 29.19
C TYR A 183 -20.03 11.08 30.61
N THR A 184 -21.28 10.84 30.95
CA THR A 184 -21.62 10.29 32.25
C THR A 184 -21.46 8.78 32.22
N TYR A 185 -20.65 8.25 33.14
CA TYR A 185 -20.37 6.81 33.14
C TYR A 185 -21.67 6.02 33.27
N GLY A 186 -21.79 4.98 32.46
CA GLY A 186 -22.95 4.13 32.43
C GLY A 186 -23.93 4.46 31.34
N ALA A 187 -23.81 5.65 30.73
CA ALA A 187 -24.70 6.04 29.66
C ALA A 187 -24.20 5.44 28.34
N ALA A 188 -24.88 5.79 27.25
CA ALA A 188 -24.47 5.30 25.95
C ALA A 188 -23.10 5.86 25.60
N PRO A 189 -22.24 5.07 24.95
CA PRO A 189 -20.91 5.57 24.59
C PRO A 189 -21.00 6.87 23.83
N ALA A 190 -20.04 7.75 24.10
CA ALA A 190 -20.07 9.12 23.59
C ALA A 190 -19.66 9.14 22.13
N ARG A 191 -20.62 9.40 21.23
CA ARG A 191 -20.35 9.43 19.80
C ARG A 191 -20.41 10.86 19.29
N ILE A 192 -19.50 11.17 18.37
CA ILE A 192 -19.46 12.48 17.73
C ILE A 192 -18.89 12.32 16.33
N SER A 193 -19.47 13.05 15.39
CA SER A 193 -19.00 13.06 14.02
C SER A 193 -18.07 14.24 13.81
N VAL A 194 -17.05 14.02 12.98
CA VAL A 194 -16.07 15.05 12.66
C VAL A 194 -15.92 15.12 11.15
N PRO A 195 -16.03 16.28 10.54
CA PRO A 195 -15.86 16.36 9.08
C PRO A 195 -14.43 16.13 8.66
N TYR A 196 -14.15 16.23 7.37
CA TYR A 196 -12.78 16.12 6.86
C TYR A 196 -12.01 17.36 7.29
N VAL A 197 -11.19 17.22 8.32
CA VAL A 197 -10.46 18.35 8.88
C VAL A 197 -9.04 18.41 8.31
N GLY A 198 -8.82 17.70 7.21
CA GLY A 198 -7.49 17.69 6.62
C GLY A 198 -7.16 19.02 5.96
N LEU A 199 -5.90 19.41 6.06
CA LEU A 199 -5.45 20.64 5.41
C LEU A 199 -5.50 20.50 3.90
N ALA A 200 -4.96 19.40 3.38
CA ALA A 200 -4.96 19.16 1.95
C ALA A 200 -6.36 18.80 1.47
N ASN A 201 -6.47 18.52 0.18
CA ASN A 201 -7.73 18.07 -0.38
C ASN A 201 -8.01 16.60 -0.12
N ALA A 202 -7.08 15.90 0.53
CA ALA A 202 -7.28 14.51 0.89
C ALA A 202 -6.26 14.14 1.96
N TYR A 203 -6.66 13.22 2.84
CA TYR A 203 -5.74 12.73 3.85
C TYR A 203 -4.60 11.97 3.19
N SER A 204 -3.40 12.18 3.70
CA SER A 204 -2.19 11.57 3.14
C SER A 204 -1.75 10.44 4.07
N HIS A 205 -2.26 9.24 3.78
CA HIS A 205 -1.81 8.06 4.54
C HIS A 205 -0.32 7.82 4.34
N PHE A 206 0.19 8.17 3.17
CA PHE A 206 1.60 8.00 2.85
C PHE A 206 2.15 9.32 2.35
N TYR A 207 3.34 9.69 2.82
CA TYR A 207 4.02 10.91 2.40
C TYR A 207 5.45 10.55 2.07
N ASP A 208 5.85 10.74 0.82
CA ASP A 208 7.19 10.39 0.35
C ASP A 208 8.17 11.54 0.50
N GLY A 209 7.92 12.45 1.43
CA GLY A 209 8.78 13.60 1.60
C GLY A 209 9.02 13.94 3.05
N PHE A 210 9.37 15.19 3.31
CA PHE A 210 9.65 15.69 4.65
C PHE A 210 8.87 16.97 4.88
N ALA A 211 9.02 17.52 6.08
CA ALA A 211 8.47 18.82 6.40
C ALA A 211 9.47 19.95 6.20
N LYS A 212 10.76 19.67 6.40
CA LYS A 212 11.83 20.63 6.20
C LYS A 212 12.79 20.09 5.15
N VAL A 213 13.64 20.99 4.66
CA VAL A 213 14.68 20.66 3.70
C VAL A 213 15.99 21.19 4.26
N PRO A 214 16.97 20.35 4.55
CA PRO A 214 18.26 20.86 5.04
C PRO A 214 19.02 21.59 3.95
N LEU A 215 19.13 22.91 4.09
CA LEU A 215 19.75 23.72 3.07
C LEU A 215 21.25 23.86 3.30
N LYS A 216 21.95 24.33 2.26
CA LYS A 216 23.38 24.53 2.37
C LYS A 216 23.72 25.66 3.34
N THR A 217 22.81 26.61 3.52
CA THR A 217 23.05 27.77 4.36
C THR A 217 22.60 27.57 5.80
N ASP A 218 22.10 26.39 6.15
CA ASP A 218 21.68 26.12 7.51
C ASP A 218 22.88 26.08 8.44
N ALA A 219 22.72 26.64 9.64
CA ALA A 219 23.83 26.69 10.58
C ALA A 219 24.20 25.30 11.06
N ASN A 220 23.21 24.43 11.25
CA ASN A 220 23.44 23.06 11.68
C ASN A 220 22.49 22.14 10.94
N ASP A 221 22.73 20.84 11.09
CA ASP A 221 21.90 19.85 10.40
C ASP A 221 20.54 19.67 11.05
N GLN A 222 20.38 20.05 12.31
CA GLN A 222 19.11 19.89 13.00
C GLN A 222 18.08 20.93 12.60
N ILE A 223 18.49 22.00 11.91
CA ILE A 223 17.53 23.02 11.48
C ILE A 223 16.55 22.41 10.50
N GLY A 224 17.04 21.68 9.50
CA GLY A 224 16.21 21.05 8.50
C GLY A 224 15.97 19.58 8.71
N ASP A 225 16.46 19.00 9.80
CA ASP A 225 16.28 17.58 10.06
C ASP A 225 14.82 17.34 10.44
N SER A 226 14.10 16.60 9.61
CA SER A 226 12.71 16.25 9.85
C SER A 226 12.53 14.76 9.68
N LEU A 227 11.43 14.25 10.24
CA LEU A 227 11.12 12.84 10.15
C LEU A 227 10.54 12.51 8.78
N TYR A 228 11.00 11.42 8.19
CA TYR A 228 10.52 11.01 6.88
C TYR A 228 9.08 10.55 6.96
N SER A 229 8.29 10.92 5.95
CA SER A 229 6.88 10.56 5.87
C SER A 229 6.07 11.20 6.98
N ALA A 230 6.59 12.26 7.60
CA ALA A 230 5.90 13.00 8.64
C ALA A 230 5.61 14.39 8.12
N MET A 231 4.33 14.72 7.97
CA MET A 231 3.94 16.03 7.47
C MET A 231 4.05 17.07 8.58
N THR A 232 3.26 16.91 9.65
CA THR A 232 3.25 17.85 10.75
C THR A 232 3.45 17.12 12.06
N VAL A 233 4.19 17.74 12.98
CA VAL A 233 4.41 17.14 14.29
C VAL A 233 3.07 16.99 15.02
N ASP A 234 2.33 18.08 15.13
CA ASP A 234 0.97 18.05 15.68
C ASP A 234 0.03 17.78 14.51
N ASP A 235 -0.15 16.51 14.18
CA ASP A 235 -0.95 16.14 13.01
C ASP A 235 -2.35 16.73 13.11
N PHE A 236 -3.11 16.31 14.12
CA PHE A 236 -4.47 16.80 14.30
C PHE A 236 -4.78 17.04 15.78
N GLY A 237 -3.77 17.41 16.57
CA GLY A 237 -4.00 17.74 17.95
C GLY A 237 -4.10 16.51 18.82
N VAL A 238 -4.40 16.74 20.10
CA VAL A 238 -4.46 15.69 21.10
C VAL A 238 -5.84 15.67 21.73
N LEU A 239 -6.29 14.48 22.08
CA LEU A 239 -7.54 14.29 22.79
C LEU A 239 -7.21 14.11 24.26
N ALA A 240 -7.67 15.05 25.08
CA ALA A 240 -7.35 15.08 26.50
C ALA A 240 -8.56 14.58 27.28
N ILE A 241 -8.41 13.46 27.97
CA ILE A 241 -9.48 12.84 28.73
C ILE A 241 -9.13 12.93 30.20
N ARG A 242 -10.09 13.37 31.01
CA ARG A 242 -9.93 13.45 32.44
C ARG A 242 -11.22 13.03 33.12
N VAL A 243 -11.13 12.78 34.42
CA VAL A 243 -12.30 12.54 35.27
C VAL A 243 -12.68 13.87 35.89
N VAL A 244 -13.85 14.39 35.52
CA VAL A 244 -14.27 15.69 36.01
C VAL A 244 -14.51 15.66 37.53
N ASN A 245 -14.77 14.48 38.08
CA ASN A 245 -14.98 14.37 39.52
C ASN A 245 -13.70 14.67 40.27
N ASP A 246 -13.85 15.21 41.47
CA ASP A 246 -12.71 15.50 42.31
C ASP A 246 -11.99 14.21 42.69
N HIS A 247 -10.70 14.35 43.00
CA HIS A 247 -9.86 13.20 43.34
C HIS A 247 -10.35 12.59 44.65
N ASN A 248 -10.87 11.38 44.57
CA ASN A 248 -11.38 10.67 45.72
C ASN A 248 -10.33 9.68 46.24
N PRO A 249 -10.28 9.44 47.56
CA PRO A 249 -9.35 8.41 48.06
C PRO A 249 -9.49 7.07 47.34
N THR A 250 -10.72 6.66 47.03
CA THR A 250 -10.93 5.45 46.25
C THR A 250 -10.50 5.71 44.81
N LYS A 251 -9.48 4.99 44.36
CA LYS A 251 -8.93 5.18 43.02
C LYS A 251 -9.75 4.38 42.03
N VAL A 252 -10.34 5.07 41.05
CA VAL A 252 -11.12 4.47 39.99
C VAL A 252 -10.34 4.61 38.70
N THR A 253 -9.77 3.51 38.23
CA THR A 253 -9.02 3.50 36.99
C THR A 253 -9.97 3.22 35.83
N SER A 254 -9.99 4.11 34.84
CA SER A 254 -10.89 4.01 33.72
C SER A 254 -10.11 3.86 32.43
N LYS A 255 -10.68 3.13 31.49
CA LYS A 255 -10.13 2.94 30.16
C LYS A 255 -11.14 3.46 29.16
N VAL A 256 -10.78 4.50 28.42
CA VAL A 256 -11.60 5.05 27.37
C VAL A 256 -11.10 4.50 26.05
N ARG A 257 -11.91 3.68 25.41
CA ARG A 257 -11.59 3.09 24.12
C ARG A 257 -12.25 3.94 23.04
N ILE A 258 -11.44 4.45 22.12
CA ILE A 258 -11.91 5.30 21.04
C ILE A 258 -12.06 4.44 19.80
N TYR A 259 -13.25 4.46 19.21
CA TYR A 259 -13.56 3.67 18.03
C TYR A 259 -13.83 4.62 16.87
N MET A 260 -13.09 4.44 15.78
CA MET A 260 -13.10 5.33 14.64
C MET A 260 -13.87 4.68 13.50
N LYS A 261 -14.95 5.31 13.06
CA LYS A 261 -15.75 4.83 11.93
C LYS A 261 -15.70 5.85 10.82
N PRO A 262 -14.82 5.68 9.83
CA PRO A 262 -14.80 6.62 8.70
C PRO A 262 -16.11 6.57 7.92
N LYS A 263 -16.70 7.73 7.71
CA LYS A 263 -17.92 7.87 6.93
C LYS A 263 -17.66 8.73 5.71
N HIS A 264 -18.51 8.56 4.70
CA HIS A 264 -18.38 9.30 3.45
C HIS A 264 -16.97 9.17 2.89
N VAL A 265 -16.44 7.96 2.92
CA VAL A 265 -15.05 7.71 2.59
C VAL A 265 -14.86 7.76 1.09
N ARG A 266 -13.89 8.54 0.64
CA ARG A 266 -13.46 8.57 -0.75
C ARG A 266 -11.96 8.33 -0.75
N VAL A 267 -11.53 7.26 -1.41
CA VAL A 267 -10.13 6.84 -1.38
C VAL A 267 -9.55 6.97 -2.78
N TRP A 268 -8.24 7.16 -2.83
CA TRP A 268 -7.54 7.41 -4.07
C TRP A 268 -6.19 6.70 -4.05
N CYS A 269 -5.77 6.25 -5.22
CA CYS A 269 -4.49 5.61 -5.45
C CYS A 269 -4.32 4.41 -4.52
N PRO A 270 -5.01 3.30 -4.79
CA PRO A 270 -4.91 2.14 -3.91
C PRO A 270 -3.49 1.63 -3.80
N ARG A 271 -3.21 1.01 -2.66
CA ARG A 271 -1.91 0.44 -2.37
C ARG A 271 -2.09 -0.95 -1.80
N PRO A 272 -1.13 -1.85 -2.03
CA PRO A 272 -1.20 -3.15 -1.39
C PRO A 272 -1.06 -3.02 0.11
N PRO A 273 -1.68 -3.90 0.88
CA PRO A 273 -1.60 -3.81 2.34
C PRO A 273 -0.29 -4.33 2.87
N ARG A 274 0.04 -3.87 4.07
CA ARG A 274 1.26 -4.30 4.74
C ARG A 274 1.18 -5.78 5.06
N ALA A 275 2.14 -6.54 4.54
CA ALA A 275 2.21 -7.96 4.80
C ALA A 275 3.06 -8.30 6.03
N VAL A 276 3.78 -7.32 6.57
CA VAL A 276 4.60 -7.53 7.75
C VAL A 276 4.06 -6.67 8.89
N PRO A 277 4.26 -7.05 10.15
CA PRO A 277 3.75 -6.24 11.25
C PRO A 277 4.28 -4.81 11.18
N TYR A 278 3.43 -3.87 11.55
CA TYR A 278 3.82 -2.47 11.56
C TYR A 278 4.93 -2.23 12.58
N TYR A 279 5.66 -1.15 12.37
CA TYR A 279 6.74 -0.74 13.28
C TYR A 279 6.79 0.78 13.27
N GLY A 280 6.09 1.39 14.22
CA GLY A 280 6.03 2.83 14.32
C GLY A 280 4.96 3.42 13.45
N PRO A 281 4.96 4.75 13.31
CA PRO A 281 3.94 5.43 12.51
C PRO A 281 4.27 5.53 11.03
N GLY A 282 5.42 5.02 10.59
CA GLY A 282 5.80 5.02 9.21
C GLY A 282 5.63 3.66 8.56
N VAL A 283 6.34 3.46 7.45
CA VAL A 283 6.33 2.20 6.74
C VAL A 283 7.51 1.32 7.11
N ASP A 284 8.18 1.64 8.21
CA ASP A 284 9.35 0.88 8.61
C ASP A 284 8.95 -0.49 9.13
N TYR A 285 9.93 -1.39 9.18
CA TYR A 285 9.71 -2.73 9.68
C TYR A 285 11.03 -3.27 10.22
N LYS A 286 10.96 -4.03 11.31
CA LYS A 286 12.13 -4.54 12.00
C LYS A 286 12.26 -6.05 11.93
N ASP A 287 11.22 -6.78 12.33
CA ASP A 287 11.26 -8.23 12.37
C ASP A 287 9.93 -8.77 11.86
N ASN A 288 9.80 -10.10 11.89
CA ASN A 288 8.61 -10.78 11.37
C ASN A 288 8.37 -10.43 9.91
N LEU A 289 9.44 -10.52 9.11
CA LEU A 289 9.39 -10.21 7.69
C LEU A 289 9.14 -11.45 6.83
N ASN A 290 8.42 -12.43 7.37
CA ASN A 290 8.11 -13.68 6.67
C ASN A 290 6.60 -13.83 6.59
N PRO A 291 5.94 -13.11 5.67
CA PRO A 291 4.48 -13.21 5.60
C PRO A 291 4.00 -14.56 5.09
N LEU A 292 4.62 -15.08 4.03
CA LEU A 292 4.17 -16.33 3.45
C LEU A 292 4.66 -17.52 4.27
N SER A 293 3.85 -18.56 4.30
CA SER A 293 4.17 -19.79 5.01
C SER A 293 4.68 -20.84 4.03
N GLU A 294 5.29 -21.88 4.59
CA GLU A 294 5.84 -22.95 3.77
C GLU A 294 4.73 -23.73 3.10
N LYS A 295 4.86 -23.95 1.80
CA LYS A 295 3.87 -24.70 1.05
C LYS A 295 4.52 -25.26 -0.21
N GLY A 296 4.19 -26.51 -0.52
CA GLY A 296 4.77 -27.15 -1.68
C GLY A 296 4.41 -26.42 -2.97
N LEU A 297 5.26 -26.61 -3.98
CA LEU A 297 5.02 -25.98 -5.27
C LEU A 297 3.88 -26.67 -6.01
N THR A 298 3.78 -28.00 -5.89
CA THR A 298 2.76 -28.78 -6.56
C THR A 298 1.76 -29.40 -5.59
N THR A 299 1.70 -28.90 -4.37
CA THR A 299 0.78 -29.40 -3.36
C THR A 299 -0.47 -28.52 -3.36
N TYR A 300 -1.62 -29.14 -3.62
CA TYR A 300 -2.88 -28.40 -3.66
C TYR A 300 -3.29 -27.94 -2.26
N VAL B 82 5.60 0.66 -35.34
CA VAL B 82 6.43 1.07 -34.22
C VAL B 82 5.99 2.44 -33.73
N LEU B 83 5.83 2.57 -32.42
CA LEU B 83 5.43 3.83 -31.82
C LEU B 83 6.65 4.74 -31.63
N GLN B 84 6.51 6.00 -31.99
CA GLN B 84 7.56 6.99 -31.85
C GLN B 84 6.95 8.23 -31.22
N LEU B 85 7.14 8.39 -29.90
CA LEU B 85 6.52 9.48 -29.16
C LEU B 85 7.49 10.65 -29.05
N THR B 86 7.02 11.83 -29.44
CA THR B 86 7.82 13.04 -29.43
C THR B 86 7.15 14.08 -28.55
N ILE B 87 7.94 14.67 -27.66
CA ILE B 87 7.47 15.71 -26.76
C ILE B 87 8.53 16.80 -26.69
N GLY B 88 8.12 18.04 -26.87
CA GLY B 88 9.07 19.14 -26.87
C GLY B 88 10.15 18.95 -27.90
N ASN B 89 11.37 18.73 -27.44
CA ASN B 89 12.52 18.52 -28.32
C ASN B 89 13.14 17.15 -28.10
N SER B 90 12.35 16.18 -27.65
CA SER B 90 12.85 14.84 -27.37
C SER B 90 11.94 13.80 -27.99
N THR B 91 12.53 12.87 -28.73
CA THR B 91 11.81 11.81 -29.42
C THR B 91 12.30 10.46 -28.93
N ILE B 92 11.37 9.54 -28.71
CA ILE B 92 11.70 8.18 -28.27
C ILE B 92 10.98 7.20 -29.18
N THR B 93 11.74 6.27 -29.75
CA THR B 93 11.20 5.23 -30.62
C THR B 93 11.06 3.94 -29.84
N THR B 94 9.95 3.25 -30.05
CA THR B 94 9.70 1.98 -29.38
C THR B 94 10.56 0.87 -29.98
N ASN B 99 4.09 -1.72 -24.52
CA ASN B 99 3.27 -0.60 -24.96
C ASN B 99 3.13 0.42 -23.84
N SER B 100 2.85 1.66 -24.21
CA SER B 100 2.70 2.72 -23.22
C SER B 100 1.38 2.58 -22.47
N VAL B 101 1.44 2.80 -21.17
CA VAL B 101 0.28 2.71 -20.29
C VAL B 101 0.11 4.03 -19.56
N VAL B 102 -1.13 4.45 -19.38
CA VAL B 102 -1.46 5.67 -18.66
C VAL B 102 -1.82 5.31 -17.23
N ALA B 103 -1.16 5.95 -16.27
CA ALA B 103 -1.38 5.63 -14.87
C ALA B 103 -2.76 6.07 -14.43
N TYR B 104 -3.51 5.14 -13.85
CA TYR B 104 -4.85 5.41 -13.33
C TYR B 104 -5.78 5.99 -14.37
N GLY B 105 -5.48 5.76 -15.65
CA GLY B 105 -6.33 6.21 -16.73
C GLY B 105 -6.46 7.71 -16.84
N ARG B 106 -5.63 8.45 -16.12
CA ARG B 106 -5.66 9.91 -16.12
C ARG B 106 -4.41 10.44 -16.81
N TRP B 107 -4.60 11.36 -17.74
CA TRP B 107 -3.46 11.94 -18.43
C TRP B 107 -3.00 13.20 -17.70
N PRO B 108 -1.69 13.46 -17.65
CA PRO B 108 -1.22 14.70 -17.01
C PRO B 108 -1.85 15.93 -17.64
N GLU B 109 -2.50 16.73 -16.81
CA GLU B 109 -3.12 17.97 -17.25
C GLU B 109 -2.97 19.01 -16.17
N PHE B 110 -3.11 20.27 -16.58
CA PHE B 110 -2.93 21.38 -15.66
C PHE B 110 -4.13 21.49 -14.72
N ILE B 111 -4.08 22.46 -13.81
CA ILE B 111 -5.16 22.68 -12.87
C ILE B 111 -6.38 23.20 -13.62
N GLN B 121 -0.97 32.40 -10.61
CA GLN B 121 -0.67 32.05 -11.99
C GLN B 121 0.60 31.19 -12.07
N PRO B 122 0.43 29.88 -12.26
CA PRO B 122 1.59 28.99 -12.34
C PRO B 122 2.50 29.36 -13.50
N THR B 123 3.76 28.96 -13.38
CA THR B 123 4.78 29.16 -14.41
C THR B 123 5.05 27.82 -15.08
N GLU B 124 4.63 27.69 -16.33
CA GLU B 124 4.71 26.43 -17.08
C GLU B 124 5.63 26.58 -18.28
N PRO B 125 6.88 26.11 -18.20
CA PRO B 125 7.73 26.11 -19.40
C PRO B 125 7.30 25.03 -20.38
N ASP B 126 6.71 25.44 -21.51
CA ASP B 126 6.16 24.48 -22.45
C ASP B 126 7.23 23.72 -23.21
N VAL B 127 8.47 24.21 -23.21
CA VAL B 127 9.57 23.59 -23.94
C VAL B 127 10.71 23.20 -23.02
N ALA B 128 11.09 24.08 -22.08
CA ALA B 128 12.27 23.86 -21.27
C ALA B 128 12.10 22.71 -20.28
N THR B 129 10.87 22.31 -19.99
CA THR B 129 10.61 21.27 -18.99
C THR B 129 9.95 20.03 -19.58
N CYS B 130 9.73 19.98 -20.89
CA CYS B 130 9.11 18.83 -21.53
C CYS B 130 10.12 17.86 -22.12
N ARG B 131 11.41 18.14 -21.99
CA ARG B 131 12.42 17.26 -22.54
C ARG B 131 12.47 15.94 -21.78
N PHE B 132 12.77 14.86 -22.50
CA PHE B 132 12.96 13.55 -21.92
C PHE B 132 14.36 13.47 -21.32
N TYR B 133 14.47 13.86 -20.05
CA TYR B 133 15.76 13.82 -19.38
C TYR B 133 16.13 12.38 -19.06
N THR B 134 17.33 11.98 -19.49
CA THR B 134 17.79 10.60 -19.35
C THR B 134 18.55 10.46 -18.05
N LEU B 135 18.07 9.57 -17.18
CA LEU B 135 18.76 9.30 -15.94
C LEU B 135 20.01 8.46 -16.20
N ASP B 136 20.77 8.22 -15.14
CA ASP B 136 21.97 7.41 -15.24
C ASP B 136 21.59 5.97 -15.59
N THR B 137 22.23 5.42 -16.62
CA THR B 137 21.98 4.05 -17.00
C THR B 137 22.47 3.10 -15.92
N VAL B 138 21.68 2.07 -15.64
CA VAL B 138 22.00 1.11 -14.58
C VAL B 138 22.13 -0.27 -15.20
N MET B 139 23.14 -1.02 -14.77
CA MET B 139 23.37 -2.34 -15.30
C MET B 139 22.52 -3.36 -14.55
N TRP B 140 21.82 -4.21 -15.30
CA TRP B 140 20.95 -5.23 -14.73
C TRP B 140 21.77 -6.51 -14.57
N GLY B 141 22.51 -6.57 -13.47
CA GLY B 141 23.31 -7.74 -13.19
C GLY B 141 22.46 -8.98 -13.01
N LYS B 142 23.12 -10.14 -13.08
CA LYS B 142 22.42 -11.39 -12.90
C LYS B 142 21.90 -11.53 -11.47
N GLU B 143 22.61 -10.97 -10.50
CA GLU B 143 22.21 -11.01 -9.10
C GLU B 143 21.55 -9.70 -8.66
N SER B 144 21.19 -8.84 -9.60
CA SER B 144 20.57 -7.57 -9.25
C SER B 144 19.23 -7.78 -8.60
N LYS B 145 18.89 -6.88 -7.66
CA LYS B 145 17.65 -6.97 -6.91
C LYS B 145 16.64 -5.90 -7.29
N GLY B 146 17.08 -4.81 -7.89
CA GLY B 146 16.17 -3.77 -8.32
C GLY B 146 16.71 -2.38 -8.10
N TRP B 147 16.03 -1.38 -8.66
CA TRP B 147 16.41 0.01 -8.50
C TRP B 147 15.17 0.83 -8.20
N TRP B 148 15.37 1.98 -7.57
CA TRP B 148 14.26 2.86 -7.23
C TRP B 148 14.70 4.31 -7.35
N TRP B 149 13.85 5.12 -7.97
CA TRP B 149 14.05 6.55 -8.10
C TRP B 149 12.82 7.27 -7.58
N LYS B 150 13.02 8.50 -7.13
CA LYS B 150 11.94 9.35 -6.62
C LYS B 150 11.72 10.50 -7.59
N LEU B 151 10.46 10.72 -7.94
CA LEU B 151 10.08 11.80 -8.83
C LEU B 151 9.30 12.85 -8.05
N PRO B 152 9.60 14.15 -8.26
CA PRO B 152 10.54 14.69 -9.23
C PRO B 152 11.98 14.76 -8.73
N ASP B 153 12.27 14.09 -7.62
CA ASP B 153 13.63 14.13 -7.08
C ASP B 153 14.65 13.70 -8.12
N ALA B 154 14.31 12.72 -8.96
CA ALA B 154 15.24 12.28 -9.98
C ALA B 154 15.62 13.41 -10.92
N LEU B 155 14.65 14.23 -11.29
CA LEU B 155 14.88 15.36 -12.19
C LEU B 155 15.09 16.65 -11.40
N ARG B 156 16.16 16.65 -10.60
CA ARG B 156 16.52 17.83 -9.83
C ARG B 156 17.75 18.55 -10.35
N ASP B 157 18.58 17.87 -11.13
CA ASP B 157 19.80 18.47 -11.68
C ASP B 157 19.85 18.42 -13.19
N MET B 158 18.79 17.98 -13.85
CA MET B 158 18.76 17.82 -15.29
C MET B 158 17.90 18.90 -15.90
N GLY B 159 18.49 19.71 -16.77
CA GLY B 159 17.77 20.72 -17.50
C GLY B 159 17.23 21.82 -16.59
N LEU B 160 16.38 22.65 -17.19
CA LEU B 160 15.76 23.75 -16.48
C LEU B 160 14.60 23.30 -15.60
N PHE B 161 14.20 22.03 -15.69
CA PHE B 161 13.15 21.54 -14.81
C PHE B 161 13.59 21.61 -13.35
N GLY B 162 14.81 21.15 -13.07
CA GLY B 162 15.32 21.25 -11.71
C GLY B 162 15.47 22.68 -11.25
N GLN B 163 15.87 23.57 -12.16
CA GLN B 163 16.02 24.98 -11.80
C GLN B 163 14.68 25.60 -11.44
N ASN B 164 13.65 25.34 -12.26
CA ASN B 164 12.32 25.84 -11.93
C ASN B 164 11.79 25.19 -10.67
N MET B 165 12.19 23.95 -10.40
CA MET B 165 11.72 23.25 -9.20
C MET B 165 12.33 23.83 -7.95
N TYR B 166 13.60 24.25 -8.02
CA TYR B 166 14.27 24.82 -6.85
C TYR B 166 13.95 26.29 -6.67
N TYR B 167 13.81 27.04 -7.77
CA TYR B 167 13.52 28.46 -7.65
C TYR B 167 12.08 28.70 -7.20
N HIS B 168 11.15 27.88 -7.67
CA HIS B 168 9.75 28.04 -7.31
C HIS B 168 9.43 27.29 -6.02
N TYR B 169 8.44 27.81 -5.30
CA TYR B 169 8.05 27.21 -4.02
C TYR B 169 7.40 25.86 -4.23
N LEU B 170 6.30 25.83 -4.96
CA LEU B 170 5.51 24.61 -5.08
C LEU B 170 5.16 24.39 -6.55
N GLY B 171 5.43 23.18 -7.03
CA GLY B 171 5.19 22.86 -8.43
C GLY B 171 4.58 21.49 -8.62
N ARG B 172 3.65 21.39 -9.55
CA ARG B 172 3.03 20.12 -9.91
C ARG B 172 3.49 19.71 -11.30
N SER B 173 3.72 18.42 -11.49
CA SER B 173 4.26 17.95 -12.75
C SER B 173 3.90 16.50 -12.95
N GLY B 174 3.24 16.20 -14.06
CA GLY B 174 3.13 14.83 -14.48
C GLY B 174 4.45 14.35 -15.04
N TYR B 175 4.56 13.04 -15.20
CA TYR B 175 5.79 12.44 -15.69
C TYR B 175 5.47 11.43 -16.78
N THR B 176 6.46 11.17 -17.62
CA THR B 176 6.41 10.09 -18.59
C THR B 176 7.72 9.33 -18.45
N VAL B 177 7.66 8.14 -17.89
CA VAL B 177 8.84 7.33 -17.60
C VAL B 177 8.95 6.27 -18.68
N HIS B 178 10.04 6.32 -19.43
CA HIS B 178 10.36 5.33 -20.45
C HIS B 178 11.56 4.54 -19.95
N VAL B 179 11.34 3.30 -19.57
CA VAL B 179 12.39 2.40 -19.13
C VAL B 179 12.72 1.50 -20.31
N GLN B 180 13.90 1.69 -20.89
CA GLN B 180 14.31 0.93 -22.07
C GLN B 180 15.48 0.02 -21.69
N CYS B 181 15.32 -1.26 -21.99
CA CYS B 181 16.30 -2.28 -21.65
C CYS B 181 16.61 -3.06 -22.93
N ASN B 182 17.77 -2.78 -23.53
CA ASN B 182 18.15 -3.42 -24.78
C ASN B 182 18.56 -4.86 -24.49
N ALA B 183 17.79 -5.81 -25.02
CA ALA B 183 18.07 -7.22 -24.83
C ALA B 183 17.87 -7.95 -26.16
N SER B 184 18.67 -8.99 -26.35
CA SER B 184 18.60 -9.78 -27.57
C SER B 184 17.49 -10.81 -27.47
N LYS B 185 17.33 -11.58 -28.56
CA LYS B 185 16.34 -12.65 -28.57
C LYS B 185 16.66 -13.76 -27.58
N PHE B 186 17.92 -13.90 -27.20
CA PHE B 186 18.36 -14.96 -26.32
C PHE B 186 18.48 -14.52 -24.87
N HIS B 187 18.17 -13.26 -24.57
CA HIS B 187 18.12 -12.78 -23.21
C HIS B 187 16.72 -12.99 -22.65
N GLN B 188 16.65 -13.53 -21.43
CA GLN B 188 15.39 -13.77 -20.76
C GLN B 188 15.33 -12.97 -19.48
N GLY B 189 14.15 -12.49 -19.14
CA GLY B 189 13.98 -11.71 -17.93
C GLY B 189 12.75 -10.85 -18.03
N ALA B 190 12.37 -10.30 -16.89
CA ALA B 190 11.21 -9.43 -16.80
C ALA B 190 11.50 -8.33 -15.78
N LEU B 191 11.21 -7.09 -16.16
CA LEU B 191 11.37 -5.95 -15.28
C LEU B 191 10.00 -5.40 -14.94
N GLY B 192 9.60 -5.51 -13.69
CA GLY B 192 8.43 -4.80 -13.24
C GLY B 192 8.76 -3.35 -13.01
N VAL B 193 8.13 -2.47 -13.79
CA VAL B 193 8.28 -1.03 -13.64
C VAL B 193 7.01 -0.55 -12.95
N PHE B 194 7.13 -0.30 -11.65
CA PHE B 194 6.01 0.14 -10.84
C PHE B 194 6.14 1.63 -10.56
N ALA B 195 5.02 2.33 -10.56
CA ALA B 195 4.97 3.76 -10.28
C ALA B 195 4.14 3.94 -9.02
N ILE B 196 4.80 3.89 -7.87
CA ILE B 196 4.14 3.97 -6.58
C ILE B 196 3.83 5.43 -6.26
N PRO B 197 2.56 5.80 -6.08
CA PRO B 197 2.27 7.12 -5.55
C PRO B 197 2.63 7.20 -4.08
N GLU B 198 3.40 8.23 -3.73
CA GLU B 198 3.89 8.40 -2.36
C GLU B 198 4.69 7.18 -1.94
N TYR B 199 5.76 6.91 -2.67
CA TYR B 199 6.57 5.70 -2.48
C TYR B 199 7.40 5.87 -1.22
N CYS B 200 6.77 5.66 -0.08
CA CYS B 200 7.48 5.68 1.19
C CYS B 200 8.30 4.41 1.33
N LEU B 201 9.58 4.57 1.62
CA LEU B 201 10.49 3.45 1.83
C LEU B 201 10.83 3.31 3.31
N ALA B 202 11.32 2.13 3.67
CA ALA B 202 11.67 1.84 5.05
C ALA B 202 13.13 2.13 5.31
N GLY B 203 13.43 2.61 6.51
CA GLY B 203 14.79 2.89 6.89
C GLY B 203 15.51 1.67 7.44
N ASP B 204 16.82 1.80 7.57
CA ASP B 204 17.65 0.73 8.09
C ASP B 204 17.77 0.76 9.60
N SER B 205 17.72 1.94 10.20
CA SER B 205 17.88 2.06 11.64
C SER B 205 16.62 1.61 12.37
N ASP B 206 16.78 1.36 13.66
CA ASP B 206 15.63 0.99 14.48
C ASP B 206 14.70 2.18 14.70
N LYS B 207 15.23 3.40 14.64
CA LYS B 207 14.40 4.59 14.78
C LYS B 207 13.51 4.73 13.54
N GLN B 208 12.21 4.83 13.75
CA GLN B 208 11.27 4.90 12.65
C GLN B 208 11.29 6.29 12.03
N ARG B 209 11.25 6.34 10.70
CA ARG B 209 11.25 7.60 9.96
C ARG B 209 12.49 8.43 10.26
N TYR B 210 13.61 7.76 10.53
CA TYR B 210 14.85 8.44 10.89
C TYR B 210 15.76 8.67 9.69
N THR B 211 15.44 8.10 8.54
CA THR B 211 16.24 8.33 7.34
C THR B 211 16.32 9.82 7.02
N SER B 212 17.49 10.26 6.56
CA SER B 212 17.72 11.67 6.31
C SER B 212 17.18 12.07 4.95
N TYR B 213 17.16 13.38 4.71
CA TYR B 213 16.69 13.90 3.44
C TYR B 213 17.67 13.61 2.31
N ALA B 214 18.97 13.62 2.61
CA ALA B 214 19.96 13.36 1.58
C ALA B 214 19.87 11.93 1.06
N ASN B 215 19.70 10.97 1.97
CA ASN B 215 19.65 9.57 1.57
C ASN B 215 18.27 9.19 1.02
N ALA B 216 17.22 9.90 1.42
CA ALA B 216 15.89 9.64 0.90
C ALA B 216 15.66 10.26 -0.47
N ASN B 217 16.52 11.17 -0.90
CA ASN B 217 16.40 11.84 -2.19
C ASN B 217 17.72 11.72 -2.92
N PRO B 218 18.05 10.52 -3.42
CA PRO B 218 19.32 10.35 -4.14
C PRO B 218 19.31 11.02 -5.50
N GLY B 219 18.15 11.13 -6.14
CA GLY B 219 18.06 11.83 -7.40
C GLY B 219 18.33 10.94 -8.59
N GLU B 220 19.05 11.47 -9.59
CA GLU B 220 19.35 10.68 -10.78
C GLU B 220 20.03 9.37 -10.43
N LYS B 221 20.85 9.36 -9.38
CA LYS B 221 21.50 8.13 -8.96
C LYS B 221 20.47 7.07 -8.58
N GLY B 222 19.49 7.45 -7.78
CA GLY B 222 18.52 6.50 -7.30
C GLY B 222 19.10 5.61 -6.22
N GLY B 223 18.42 4.48 -6.00
CA GLY B 223 18.86 3.49 -5.05
C GLY B 223 18.59 2.09 -5.57
N LYS B 224 18.87 1.12 -4.71
CA LYS B 224 18.72 -0.28 -5.08
C LYS B 224 18.09 -1.04 -3.92
N PHE B 225 17.36 -2.09 -4.26
CA PHE B 225 16.77 -2.97 -3.27
C PHE B 225 17.78 -4.00 -2.80
N TYR B 226 17.45 -4.66 -1.69
CA TYR B 226 18.32 -5.65 -1.08
C TYR B 226 17.51 -6.90 -0.76
N SER B 227 18.17 -8.06 -0.85
CA SER B 227 17.47 -9.32 -0.63
C SER B 227 16.85 -9.37 0.75
N GLN B 228 17.63 -9.04 1.78
CA GLN B 228 17.17 -9.05 3.16
C GLN B 228 17.19 -7.63 3.72
N PHE B 229 16.80 -7.51 4.99
CA PHE B 229 16.72 -6.23 5.68
C PHE B 229 17.93 -6.12 6.60
N ASN B 230 18.98 -5.48 6.11
CA ASN B 230 20.19 -5.27 6.91
C ASN B 230 19.98 -4.07 7.83
N ARG B 231 20.03 -4.31 9.13
CA ARG B 231 19.83 -3.25 10.11
C ARG B 231 21.10 -2.41 10.25
N ASP B 232 20.91 -1.10 10.38
CA ASP B 232 22.03 -0.21 10.62
C ASP B 232 22.57 -0.43 12.03
N THR B 233 23.88 -0.68 12.11
CA THR B 233 24.54 -0.96 13.38
C THR B 233 25.48 0.15 13.82
N ALA B 234 25.64 1.20 13.02
CA ALA B 234 26.52 2.31 13.36
C ALA B 234 25.74 3.29 14.23
N VAL B 235 25.81 3.09 15.54
CA VAL B 235 25.11 3.99 16.45
C VAL B 235 25.81 5.33 16.56
N THR B 236 27.14 5.35 16.36
CA THR B 236 27.87 6.61 16.45
C THR B 236 27.55 7.51 15.27
N SER B 237 27.45 6.95 14.07
CA SER B 237 27.13 7.71 12.85
C SER B 237 26.14 6.92 12.03
N PRO B 238 24.85 7.06 12.31
CA PRO B 238 23.85 6.29 11.57
C PRO B 238 23.78 6.73 10.11
N LYS B 239 23.75 5.74 9.21
CA LYS B 239 23.67 6.05 7.78
C LYS B 239 22.40 6.81 7.45
N ARG B 240 21.31 6.48 8.13
CA ARG B 240 20.02 7.14 7.90
C ARG B 240 19.60 7.02 6.44
N GLU B 241 19.80 5.84 5.87
CA GLU B 241 19.44 5.57 4.48
C GLU B 241 18.38 4.48 4.45
N PHE B 242 17.63 4.44 3.35
CA PHE B 242 16.62 3.41 3.18
C PHE B 242 17.25 2.04 3.16
N CYS B 243 16.46 1.03 3.52
CA CYS B 243 16.84 -0.38 3.38
C CYS B 243 15.74 -1.07 2.58
N PRO B 244 15.62 -0.76 1.30
CA PRO B 244 14.53 -1.31 0.50
C PRO B 244 14.76 -2.79 0.24
N VAL B 245 13.72 -3.58 0.46
CA VAL B 245 13.77 -5.03 0.24
C VAL B 245 12.93 -5.35 -0.98
N ASP B 246 13.49 -6.15 -1.88
CA ASP B 246 12.84 -6.45 -3.14
C ASP B 246 11.43 -6.98 -2.92
N TYR B 247 11.30 -8.14 -2.26
CA TYR B 247 10.00 -8.77 -2.13
C TYR B 247 9.05 -7.99 -1.24
N LEU B 248 9.56 -7.04 -0.44
CA LEU B 248 8.72 -6.18 0.37
C LEU B 248 8.49 -4.83 -0.27
N LEU B 249 9.12 -4.56 -1.41
CA LEU B 249 8.98 -3.29 -2.13
C LEU B 249 9.49 -2.11 -1.31
N GLY B 250 10.28 -2.37 -0.27
CA GLY B 250 10.76 -1.32 0.59
C GLY B 250 9.70 -0.65 1.45
N CYS B 251 8.45 -1.12 1.40
CA CYS B 251 7.37 -0.51 2.15
C CYS B 251 6.53 -1.54 2.89
N GLY B 252 7.08 -2.72 3.15
CA GLY B 252 6.38 -3.76 3.88
C GLY B 252 5.31 -4.49 3.11
N VAL B 253 4.88 -3.97 1.96
CA VAL B 253 3.89 -4.66 1.15
C VAL B 253 4.59 -5.73 0.32
N LEU B 254 3.79 -6.66 -0.22
CA LEU B 254 4.34 -7.69 -1.08
C LEU B 254 4.57 -7.15 -2.48
N LEU B 255 5.72 -7.52 -3.06
CA LEU B 255 6.01 -7.08 -4.41
C LEU B 255 5.02 -7.68 -5.40
N GLY B 256 4.41 -8.81 -5.07
CA GLY B 256 3.45 -9.40 -5.97
C GLY B 256 2.20 -8.55 -6.11
N ASN B 257 1.79 -7.90 -5.03
CA ASN B 257 0.66 -7.00 -5.05
C ASN B 257 1.03 -5.61 -5.55
N ALA B 258 2.32 -5.35 -5.73
CA ALA B 258 2.77 -4.05 -6.23
C ALA B 258 2.16 -3.70 -7.57
N PHE B 259 1.52 -4.65 -8.25
CA PHE B 259 0.87 -4.37 -9.51
C PHE B 259 -0.42 -3.60 -9.34
N VAL B 260 -0.86 -3.32 -8.11
CA VAL B 260 -1.97 -2.40 -7.91
C VAL B 260 -1.58 -1.01 -8.39
N TYR B 261 -0.31 -0.67 -8.25
CA TYR B 261 0.19 0.58 -8.77
C TYR B 261 0.19 0.56 -10.30
N PRO B 262 0.29 1.73 -10.93
CA PRO B 262 0.53 1.75 -12.37
C PRO B 262 1.81 1.02 -12.71
N HIS B 263 1.69 -0.10 -13.43
CA HIS B 263 2.82 -0.99 -13.65
C HIS B 263 2.95 -1.28 -15.13
N GLN B 264 4.15 -1.70 -15.51
CA GLN B 264 4.42 -2.18 -16.86
C GLN B 264 5.54 -3.19 -16.79
N ILE B 265 5.36 -4.33 -17.44
CA ILE B 265 6.34 -5.40 -17.41
C ILE B 265 7.14 -5.37 -18.70
N ILE B 266 8.45 -5.11 -18.57
CA ILE B 266 9.38 -5.23 -19.67
C ILE B 266 9.78 -6.70 -19.74
N ASN B 267 9.11 -7.47 -20.59
CA ASN B 267 9.43 -8.87 -20.79
C ASN B 267 10.31 -8.95 -22.04
N LEU B 268 11.60 -9.25 -21.84
CA LEU B 268 12.57 -9.14 -22.91
C LEU B 268 12.20 -9.97 -24.12
N ARG B 269 11.30 -10.94 -23.98
CA ARG B 269 10.91 -11.74 -25.13
C ARG B 269 9.91 -11.04 -26.02
N THR B 270 9.07 -10.18 -25.45
CA THR B 270 8.03 -9.49 -26.23
C THR B 270 8.25 -8.00 -26.35
N ASN B 271 8.91 -7.36 -25.38
CA ASN B 271 9.13 -5.93 -25.44
C ASN B 271 10.43 -5.60 -24.71
N ASN B 272 11.20 -4.68 -25.30
CA ASN B 272 12.45 -4.23 -24.72
C ASN B 272 12.34 -2.88 -24.04
N SER B 273 11.14 -2.28 -24.04
CA SER B 273 10.94 -0.98 -23.41
C SER B 273 9.54 -0.91 -22.84
N ALA B 274 9.35 0.01 -21.90
CA ALA B 274 8.07 0.26 -21.29
C ALA B 274 7.91 1.76 -21.08
N THR B 275 6.68 2.24 -21.16
CA THR B 275 6.37 3.64 -20.99
C THR B 275 5.15 3.78 -20.08
N ILE B 276 5.29 4.58 -19.03
CA ILE B 276 4.22 4.84 -18.08
C ILE B 276 4.02 6.34 -17.98
N VAL B 277 2.80 6.78 -18.22
CA VAL B 277 2.44 8.20 -18.16
C VAL B 277 1.73 8.44 -16.84
N LEU B 278 2.39 9.11 -15.92
CA LEU B 278 1.87 9.33 -14.58
C LEU B 278 1.30 10.74 -14.50
N PRO B 279 0.03 10.91 -14.16
CA PRO B 279 -0.47 12.26 -13.87
C PRO B 279 0.04 12.73 -12.51
N TYR B 280 -0.13 14.02 -12.26
CA TYR B 280 0.27 14.56 -10.97
C TYR B 280 -0.66 14.02 -9.91
N VAL B 281 -0.15 13.07 -9.12
CA VAL B 281 -0.90 12.44 -8.06
C VAL B 281 -0.39 13.00 -6.74
N ASN B 282 -1.29 13.64 -5.99
CA ASN B 282 -0.94 14.21 -4.71
C ASN B 282 -2.22 14.62 -4.00
N ALA B 283 -2.16 14.63 -2.67
CA ALA B 283 -3.31 15.08 -1.89
C ALA B 283 -3.66 16.53 -2.20
N MET B 284 -2.68 17.30 -2.63
CA MET B 284 -2.85 18.71 -2.94
C MET B 284 -2.85 18.92 -4.45
N ALA B 285 -3.51 19.99 -4.89
CA ALA B 285 -3.49 20.33 -6.30
C ALA B 285 -2.09 20.67 -6.76
N ILE B 286 -1.23 21.11 -5.85
CA ILE B 286 0.15 21.46 -6.16
C ILE B 286 0.91 21.52 -4.85
N ASP B 287 2.13 20.99 -4.87
CA ASP B 287 2.89 20.83 -3.63
C ASP B 287 4.37 21.07 -3.90
N SER B 288 5.08 21.41 -2.83
CA SER B 288 6.52 21.63 -2.92
C SER B 288 7.22 20.37 -3.39
N MET B 289 8.03 20.51 -4.43
CA MET B 289 8.72 19.38 -5.02
C MET B 289 10.07 19.13 -4.40
N VAL B 290 10.70 20.16 -3.84
CA VAL B 290 12.02 19.98 -3.25
C VAL B 290 11.96 19.07 -2.04
N LYS B 291 10.84 19.07 -1.32
CA LYS B 291 10.68 18.23 -0.14
C LYS B 291 9.82 17.01 -0.41
N HIS B 292 8.81 17.12 -1.27
CA HIS B 292 7.89 16.03 -1.54
C HIS B 292 8.23 15.36 -2.87
N ASN B 293 8.14 14.04 -2.88
CA ASN B 293 8.35 13.23 -4.08
C ASN B 293 7.01 12.68 -4.52
N ASN B 294 6.46 13.20 -5.61
CA ASN B 294 5.11 12.86 -6.02
C ASN B 294 5.00 11.38 -6.34
N TRP B 295 6.04 10.80 -6.95
CA TRP B 295 5.98 9.42 -7.41
C TRP B 295 7.28 8.71 -7.04
N GLY B 296 7.24 7.38 -7.16
CA GLY B 296 8.42 6.57 -7.03
C GLY B 296 8.46 5.47 -8.06
N ILE B 297 9.51 5.44 -8.87
CA ILE B 297 9.67 4.43 -9.90
C ILE B 297 10.50 3.28 -9.34
N ALA B 298 10.01 2.06 -9.50
CA ALA B 298 10.68 0.87 -9.01
C ALA B 298 10.86 -0.09 -10.18
N ILE B 299 12.12 -0.36 -10.53
CA ILE B 299 12.48 -1.30 -11.58
C ILE B 299 12.98 -2.55 -10.89
N LEU B 300 12.12 -3.54 -10.75
CA LEU B 300 12.46 -4.75 -10.02
C LEU B 300 12.51 -5.94 -10.95
N PRO B 301 13.59 -6.72 -10.95
CA PRO B 301 13.60 -7.93 -11.79
C PRO B 301 12.68 -9.02 -11.25
N LEU B 302 11.54 -9.18 -11.90
CA LEU B 302 10.60 -10.22 -11.50
C LEU B 302 11.11 -11.60 -11.86
N SER B 303 11.88 -11.70 -12.94
CA SER B 303 12.55 -12.92 -13.34
C SER B 303 14.03 -12.62 -13.54
N PRO B 304 14.92 -13.49 -13.05
CA PRO B 304 16.35 -13.20 -13.17
C PRO B 304 16.78 -13.14 -14.62
N LEU B 305 17.84 -12.37 -14.87
CA LEU B 305 18.37 -12.22 -16.22
C LEU B 305 19.35 -13.35 -16.52
N ASP B 306 19.11 -14.04 -17.62
CA ASP B 306 19.98 -15.11 -18.08
C ASP B 306 20.24 -14.94 -19.56
N PHE B 307 21.39 -15.45 -20.02
CA PHE B 307 21.78 -15.32 -21.42
C PHE B 307 22.77 -16.42 -21.76
N ALA B 308 22.34 -17.37 -22.58
CA ALA B 308 23.21 -18.40 -23.13
C ALA B 308 23.97 -19.14 -22.03
N GLN B 309 23.34 -19.30 -20.87
CA GLN B 309 23.94 -20.02 -19.75
C GLN B 309 25.29 -19.41 -19.37
N GLU B 310 25.39 -18.09 -19.48
CA GLU B 310 26.62 -17.40 -19.14
C GLU B 310 26.72 -17.20 -17.63
N SER B 311 27.96 -17.07 -17.15
CA SER B 311 28.19 -16.89 -15.72
C SER B 311 27.58 -15.60 -15.23
N SER B 312 28.00 -14.47 -15.79
CA SER B 312 27.52 -13.15 -15.39
C SER B 312 27.09 -12.40 -16.64
N VAL B 313 25.84 -11.93 -16.63
CA VAL B 313 25.27 -11.17 -17.73
C VAL B 313 24.66 -9.90 -17.17
N GLU B 314 24.95 -8.77 -17.82
CA GLU B 314 24.42 -7.48 -17.40
C GLU B 314 24.12 -6.64 -18.63
N ILE B 315 22.88 -6.16 -18.72
CA ILE B 315 22.45 -5.34 -19.86
C ILE B 315 22.09 -3.95 -19.33
N PRO B 316 22.19 -2.91 -20.14
CA PRO B 316 21.84 -1.58 -19.66
C PRO B 316 20.35 -1.38 -19.54
N ILE B 317 19.97 -0.56 -18.57
CA ILE B 317 18.60 -0.08 -18.40
C ILE B 317 18.68 1.44 -18.33
N THR B 318 17.97 2.12 -19.21
CA THR B 318 17.95 3.57 -19.26
C THR B 318 16.55 4.06 -18.91
N VAL B 319 16.47 4.90 -17.90
CA VAL B 319 15.22 5.49 -17.47
C VAL B 319 15.21 6.94 -17.95
N THR B 320 14.28 7.25 -18.85
CA THR B 320 14.14 8.58 -19.42
C THR B 320 12.80 9.14 -18.94
N ILE B 321 12.85 10.18 -18.12
CA ILE B 321 11.66 10.78 -17.53
C ILE B 321 11.42 12.12 -18.18
N ALA B 322 10.18 12.37 -18.58
CA ALA B 322 9.79 13.63 -19.20
C ALA B 322 8.76 14.32 -18.35
N PRO B 323 9.04 15.50 -17.80
CA PRO B 323 7.99 16.23 -17.08
C PRO B 323 6.94 16.79 -18.02
N MET B 324 5.72 16.28 -17.91
CA MET B 324 4.61 16.72 -18.72
C MET B 324 3.73 17.66 -17.91
N CYS B 325 3.33 18.76 -18.54
CA CYS B 325 2.45 19.74 -17.91
C CYS B 325 2.99 20.17 -16.54
N SER B 326 4.31 20.33 -16.47
CA SER B 326 4.95 20.80 -15.24
C SER B 326 4.74 22.30 -15.11
N GLU B 327 3.99 22.69 -14.09
CA GLU B 327 3.75 24.10 -13.79
C GLU B 327 4.13 24.36 -12.34
N PHE B 328 4.89 25.41 -12.13
CA PHE B 328 5.39 25.80 -10.82
C PHE B 328 4.78 27.13 -10.40
N ASN B 329 4.90 27.43 -9.12
CA ASN B 329 4.39 28.69 -8.59
C ASN B 329 5.17 29.03 -7.33
N GLY B 330 5.26 30.31 -7.04
CA GLY B 330 6.02 30.78 -5.91
C GLY B 330 7.47 31.00 -6.22
N LEU B 331 7.75 31.70 -7.31
CA LEU B 331 9.12 32.01 -7.67
C LEU B 331 9.79 32.76 -6.52
N ARG B 332 10.97 32.32 -6.15
CA ARG B 332 11.73 32.94 -5.07
C ARG B 332 13.16 32.43 -5.15
N ASN B 333 13.97 32.79 -4.15
CA ASN B 333 15.38 32.46 -4.20
C ASN B 333 15.59 30.96 -4.35
N VAL B 334 16.67 30.60 -5.04
CA VAL B 334 16.92 29.19 -5.36
C VAL B 334 17.06 28.39 -4.08
N THR B 335 16.50 27.17 -4.10
CA THR B 335 16.65 26.24 -3.00
C THR B 335 17.84 25.34 -3.27
N ALA B 336 18.78 25.31 -2.32
CA ALA B 336 20.00 24.50 -2.42
C ALA B 336 20.00 23.49 -1.29
N PRO B 337 19.37 22.33 -1.47
CA PRO B 337 19.33 21.34 -0.40
C PRO B 337 20.70 20.76 -0.11
N LYS B 338 20.86 20.27 1.11
CA LYS B 338 22.11 19.67 1.57
C LYS B 338 22.07 18.18 1.27
N PHE B 339 22.94 17.73 0.37
CA PHE B 339 23.04 16.33 0.02
C PHE B 339 24.31 15.67 0.54
N GLN B 340 25.23 16.43 1.13
CA GLN B 340 26.45 15.89 1.70
C GLN B 340 27.24 15.11 0.65
N GLY C 1 -43.44 15.05 27.23
CA GLY C 1 -43.64 15.30 25.78
C GLY C 1 -44.18 14.09 25.04
N LEU C 2 -43.54 13.76 23.93
CA LEU C 2 -43.96 12.61 23.14
C LEU C 2 -43.64 11.32 23.89
N PRO C 3 -44.62 10.47 24.18
CA PRO C 3 -44.33 9.21 24.87
C PRO C 3 -43.57 8.27 23.96
N VAL C 4 -42.35 7.92 24.38
CA VAL C 4 -41.50 7.01 23.63
C VAL C 4 -41.29 5.74 24.44
N LEU C 5 -40.76 4.72 23.77
CA LEU C 5 -40.54 3.41 24.37
C LEU C 5 -39.17 2.91 23.96
N ASN C 6 -38.24 2.88 24.91
CA ASN C 6 -36.88 2.44 24.61
C ASN C 6 -36.89 0.95 24.30
N THR C 7 -36.70 0.61 23.02
CA THR C 7 -36.69 -0.77 22.62
C THR C 7 -35.38 -1.44 23.02
N PRO C 8 -35.37 -2.77 23.10
CA PRO C 8 -34.11 -3.47 23.37
C PRO C 8 -33.08 -3.14 22.31
N GLY C 9 -31.85 -2.92 22.76
CA GLY C 9 -30.80 -2.44 21.90
C GLY C 9 -30.49 -0.97 22.07
N SER C 10 -30.94 -0.35 23.15
CA SER C 10 -30.70 1.06 23.41
C SER C 10 -29.50 1.23 24.33
N ASN C 11 -28.83 2.36 24.18
CA ASN C 11 -27.64 2.69 24.95
C ASN C 11 -26.51 1.71 24.68
N GLN C 12 -26.54 1.06 23.52
CA GLN C 12 -25.48 0.17 23.07
C GLN C 12 -24.69 0.85 21.97
N TYR C 13 -23.53 0.28 21.67
CA TYR C 13 -22.68 0.74 20.56
C TYR C 13 -22.40 -0.44 19.66
N LEU C 14 -23.13 -0.54 18.56
CA LEU C 14 -22.87 -1.53 17.52
C LEU C 14 -21.91 -0.92 16.51
N THR C 15 -20.71 -1.48 16.41
CA THR C 15 -19.70 -0.93 15.52
C THR C 15 -20.22 -0.80 14.09
N SER C 16 -21.14 -1.66 13.69
CA SER C 16 -21.70 -1.65 12.35
C SER C 16 -23.09 -1.04 12.41
N ASP C 17 -23.15 0.29 12.35
CA ASP C 17 -24.40 1.01 12.36
C ASP C 17 -24.22 2.32 11.62
N ASN C 18 -25.34 2.91 11.23
CA ASN C 18 -25.34 4.15 10.45
C ASN C 18 -26.11 5.25 11.19
N TYR C 19 -26.09 5.22 12.51
CA TYR C 19 -26.79 6.22 13.29
C TYR C 19 -26.10 7.58 13.18
N GLN C 20 -26.90 8.63 13.25
CA GLN C 20 -26.37 9.98 13.22
C GLN C 20 -25.69 10.31 14.53
N SER C 21 -24.88 11.36 14.50
CA SER C 21 -24.13 11.78 15.67
C SER C 21 -23.90 13.28 15.61
N PRO C 22 -23.77 13.95 16.75
CA PRO C 22 -23.55 15.40 16.72
C PRO C 22 -22.19 15.73 16.12
N CYS C 23 -22.19 16.71 15.21
CA CYS C 23 -20.94 17.17 14.63
C CYS C 23 -20.12 17.89 15.69
N ALA C 24 -18.95 17.36 15.99
CA ALA C 24 -18.11 17.94 17.02
C ALA C 24 -17.60 19.32 16.63
N ILE C 25 -17.44 19.57 15.34
CA ILE C 25 -16.90 20.84 14.86
C ILE C 25 -17.90 21.41 13.86
N PRO C 26 -18.95 22.05 14.31
CA PRO C 26 -20.01 22.49 13.39
C PRO C 26 -19.57 23.69 12.57
N GLU C 27 -20.27 23.88 11.45
CA GLU C 27 -19.99 24.98 10.54
C GLU C 27 -18.52 24.99 10.13
N PHE C 28 -18.03 23.81 9.76
CA PHE C 28 -16.62 23.59 9.44
C PHE C 28 -16.46 23.56 7.93
N ASP C 29 -15.74 24.54 7.40
CA ASP C 29 -15.53 24.68 5.95
C ASP C 29 -14.46 23.70 5.50
N VAL C 30 -14.89 22.49 5.16
CA VAL C 30 -13.94 21.46 4.77
C VAL C 30 -13.23 21.86 3.47
N THR C 31 -12.10 21.22 3.24
CA THR C 31 -11.34 21.48 2.02
C THR C 31 -12.05 20.84 0.83
N PRO C 32 -12.31 21.58 -0.24
CA PRO C 32 -13.02 21.01 -1.38
C PRO C 32 -12.20 19.91 -2.03
N PRO C 33 -12.83 18.82 -2.44
CA PRO C 33 -12.08 17.74 -3.08
C PRO C 33 -11.65 18.09 -4.49
N ILE C 34 -10.48 17.56 -4.87
CA ILE C 34 -9.96 17.73 -6.22
C ILE C 34 -10.03 16.38 -6.93
N ASP C 35 -9.83 16.42 -8.24
CA ASP C 35 -9.91 15.22 -9.06
C ASP C 35 -8.57 14.49 -8.98
N ILE C 36 -8.41 13.71 -7.92
CA ILE C 36 -7.20 12.92 -7.72
C ILE C 36 -7.31 11.65 -8.56
N PRO C 37 -6.30 11.30 -9.34
CA PRO C 37 -6.38 10.07 -10.13
C PRO C 37 -6.48 8.83 -9.26
N GLY C 38 -6.97 7.76 -9.86
CA GLY C 38 -7.02 6.47 -9.18
C GLY C 38 -8.04 6.39 -8.08
N GLU C 39 -9.22 6.99 -8.27
CA GLU C 39 -10.27 6.90 -7.27
C GLU C 39 -10.85 5.50 -7.27
N VAL C 40 -10.97 4.91 -6.08
CA VAL C 40 -11.53 3.58 -5.91
C VAL C 40 -12.91 3.74 -5.29
N LYS C 41 -13.93 3.26 -6.00
CA LYS C 41 -15.30 3.30 -5.53
C LYS C 41 -15.76 1.99 -4.92
N ASN C 42 -14.98 0.92 -5.07
CA ASN C 42 -15.33 -0.38 -4.54
C ASN C 42 -14.07 -1.18 -4.32
N MET C 43 -14.08 -2.00 -3.26
CA MET C 43 -12.89 -2.79 -2.93
C MET C 43 -12.60 -3.82 -4.00
N MET C 44 -13.63 -4.37 -4.65
CA MET C 44 -13.40 -5.37 -5.69
C MET C 44 -12.65 -4.80 -6.88
N GLU C 45 -12.71 -3.48 -7.08
CA GLU C 45 -11.89 -2.88 -8.12
C GLU C 45 -10.40 -3.15 -7.89
N LEU C 46 -10.01 -3.36 -6.64
CA LEU C 46 -8.63 -3.74 -6.35
C LEU C 46 -8.39 -5.22 -6.62
N ALA C 47 -9.41 -6.05 -6.41
CA ALA C 47 -9.28 -7.47 -6.71
C ALA C 47 -9.19 -7.71 -8.21
N GLU C 48 -9.90 -6.91 -9.01
CA GLU C 48 -9.84 -7.06 -10.46
C GLU C 48 -8.45 -6.80 -11.01
N ILE C 49 -7.60 -6.10 -10.27
CA ILE C 49 -6.24 -5.82 -10.72
C ILE C 49 -5.41 -7.10 -10.56
N ASP C 50 -4.85 -7.58 -11.67
CA ASP C 50 -4.04 -8.79 -11.65
C ASP C 50 -2.74 -8.52 -10.90
N THR C 51 -2.49 -9.31 -9.85
CA THR C 51 -1.31 -9.17 -9.02
C THR C 51 -0.58 -10.49 -8.95
N MET C 52 0.74 -10.42 -9.04
CA MET C 52 1.57 -11.62 -9.10
C MET C 52 1.32 -12.51 -7.88
N ILE C 53 1.39 -13.82 -8.11
CA ILE C 53 1.05 -14.82 -7.10
C ILE C 53 2.34 -15.39 -6.53
N PRO C 54 2.48 -15.49 -5.20
CA PRO C 54 3.60 -16.26 -4.65
C PRO C 54 3.45 -17.74 -4.89
N LEU C 55 3.59 -18.15 -6.16
CA LEU C 55 3.36 -19.54 -6.53
C LEU C 55 4.32 -20.47 -5.80
N ASN C 56 5.62 -20.29 -6.02
CA ASN C 56 6.61 -21.12 -5.33
C ASN C 56 6.71 -20.70 -3.87
N LEU C 57 6.57 -21.67 -2.97
CA LEU C 57 6.60 -21.39 -1.54
C LEU C 57 7.43 -22.43 -0.81
N GLU C 58 8.56 -22.84 -1.39
CA GLU C 58 9.44 -23.77 -0.71
C GLU C 58 10.12 -23.09 0.47
N ASN C 59 10.68 -23.92 1.36
CA ASN C 59 11.30 -23.40 2.57
C ASN C 59 12.46 -22.45 2.28
N THR C 60 13.08 -22.59 1.11
CA THR C 60 14.24 -21.77 0.75
C THR C 60 13.89 -20.67 -0.25
N LYS C 61 12.73 -20.75 -0.90
CA LYS C 61 12.33 -19.77 -1.89
C LYS C 61 11.23 -18.83 -1.43
N ARG C 62 10.56 -19.14 -0.33
CA ARG C 62 9.46 -18.30 0.13
C ARG C 62 10.00 -17.05 0.83
N ASN C 63 9.19 -16.00 0.82
CA ASN C 63 9.56 -14.73 1.43
C ASN C 63 10.79 -14.11 0.78
N THR C 64 10.96 -14.37 -0.51
CA THR C 64 12.04 -13.80 -1.29
C THR C 64 11.48 -13.47 -2.67
N MET C 65 12.38 -13.21 -3.63
CA MET C 65 11.95 -13.04 -5.01
C MET C 65 11.70 -14.36 -5.70
N ASP C 66 12.29 -15.45 -5.20
CA ASP C 66 12.11 -16.75 -5.83
C ASP C 66 10.70 -17.27 -5.68
N MET C 67 9.92 -16.73 -4.74
CA MET C 67 8.58 -17.25 -4.49
C MET C 67 7.58 -16.78 -5.53
N TYR C 68 7.90 -15.69 -6.24
CA TYR C 68 6.98 -15.17 -7.23
C TYR C 68 7.14 -15.78 -8.61
N ARG C 69 8.31 -16.35 -8.90
CA ARG C 69 8.59 -16.94 -10.20
C ARG C 69 8.72 -18.44 -10.07
N VAL C 70 8.11 -19.16 -11.02
CA VAL C 70 8.16 -20.62 -11.08
C VAL C 70 9.12 -21.02 -12.18
N THR C 71 10.08 -21.88 -11.85
CA THR C 71 11.11 -22.30 -12.79
C THR C 71 10.63 -23.49 -13.59
N LEU C 72 10.55 -23.31 -14.91
CA LEU C 72 10.23 -24.38 -15.84
C LEU C 72 11.33 -24.44 -16.89
N SER C 73 11.57 -25.65 -17.39
CA SER C 73 12.69 -25.88 -18.30
C SER C 73 12.38 -27.08 -19.18
N ASP C 74 13.26 -27.28 -20.17
CA ASP C 74 13.15 -28.48 -21.00
C ASP C 74 13.56 -29.73 -20.23
N SER C 75 14.53 -29.60 -19.32
CA SER C 75 14.93 -30.74 -18.51
C SER C 75 13.87 -31.14 -17.50
N ALA C 76 12.92 -30.26 -17.21
CA ALA C 76 11.86 -30.58 -16.25
C ALA C 76 11.01 -31.73 -16.78
N ASP C 77 10.58 -32.58 -15.86
CA ASP C 77 9.78 -33.74 -16.24
C ASP C 77 8.41 -33.28 -16.74
N LEU C 78 7.94 -33.93 -17.81
CA LEU C 78 6.65 -33.57 -18.38
C LEU C 78 5.50 -34.27 -17.67
N SER C 79 5.74 -35.43 -17.08
CA SER C 79 4.68 -36.14 -16.37
C SER C 79 4.27 -35.40 -15.10
N GLN C 80 5.21 -34.75 -14.44
CA GLN C 80 4.88 -34.01 -13.23
C GLN C 80 4.39 -32.61 -13.57
N PRO C 81 3.45 -32.08 -12.78
CA PRO C 81 2.94 -30.74 -13.07
C PRO C 81 3.96 -29.66 -12.76
N ILE C 82 3.75 -28.51 -13.39
CA ILE C 82 4.61 -27.35 -13.14
C ILE C 82 4.27 -26.75 -11.78
N LEU C 83 3.02 -26.33 -11.61
CA LEU C 83 2.54 -25.78 -10.35
C LEU C 83 1.11 -26.23 -10.13
N CYS C 84 0.72 -26.29 -8.87
CA CYS C 84 -0.62 -26.72 -8.50
C CYS C 84 -1.04 -25.99 -7.24
N PHE C 85 -2.31 -25.59 -7.19
CA PHE C 85 -2.83 -24.92 -6.00
C PHE C 85 -4.35 -24.96 -6.02
N SER C 86 -4.93 -25.10 -4.83
CA SER C 86 -6.38 -25.09 -4.71
C SER C 86 -6.93 -23.72 -5.06
N LEU C 87 -8.18 -23.70 -5.51
CA LEU C 87 -8.84 -22.45 -5.86
C LEU C 87 -9.42 -21.79 -4.62
N SER C 88 -8.57 -21.60 -3.61
CA SER C 88 -8.96 -20.96 -2.37
C SER C 88 -8.27 -19.60 -2.32
N PRO C 89 -8.84 -18.58 -2.97
CA PRO C 89 -8.12 -17.30 -3.11
C PRO C 89 -7.86 -16.60 -1.79
N ALA C 90 -8.47 -17.04 -0.69
CA ALA C 90 -8.29 -16.39 0.60
C ALA C 90 -7.62 -17.27 1.64
N SER C 91 -7.62 -18.59 1.46
CA SER C 91 -7.02 -19.49 2.42
C SER C 91 -5.84 -20.28 1.86
N ASP C 92 -5.67 -20.33 0.55
CA ASP C 92 -4.51 -21.01 -0.01
C ASP C 92 -3.27 -20.15 0.23
N PRO C 93 -2.18 -20.72 0.77
CA PRO C 93 -1.01 -19.89 1.05
C PRO C 93 -0.49 -19.14 -0.16
N ARG C 94 -0.74 -19.66 -1.37
CA ARG C 94 -0.25 -18.98 -2.57
C ARG C 94 -1.15 -17.81 -2.96
N LEU C 95 -2.46 -17.99 -2.87
CA LEU C 95 -3.40 -16.96 -3.26
C LEU C 95 -3.88 -16.10 -2.10
N SER C 96 -3.66 -16.53 -0.86
CA SER C 96 -4.21 -15.80 0.28
C SER C 96 -3.59 -14.41 0.40
N HIS C 97 -2.29 -14.30 0.14
CA HIS C 97 -1.58 -13.05 0.29
C HIS C 97 -1.57 -12.19 -0.96
N THR C 98 -2.15 -12.68 -2.06
CA THR C 98 -2.32 -11.85 -3.23
C THR C 98 -3.34 -10.75 -2.95
N MET C 99 -3.25 -9.66 -3.72
CA MET C 99 -4.17 -8.55 -3.53
C MET C 99 -5.61 -9.03 -3.51
N LEU C 100 -5.97 -9.92 -4.43
CA LEU C 100 -7.27 -10.57 -4.37
C LEU C 100 -7.48 -11.21 -3.01
N GLY C 101 -6.55 -12.08 -2.60
CA GLY C 101 -6.67 -12.71 -1.30
C GLY C 101 -6.60 -11.74 -0.15
N GLU C 102 -5.82 -10.67 -0.31
CA GLU C 102 -5.74 -9.67 0.75
C GLU C 102 -7.09 -9.00 0.96
N VAL C 103 -7.81 -8.74 -0.13
CA VAL C 103 -9.14 -8.14 -0.01
C VAL C 103 -10.16 -9.17 0.46
N LEU C 104 -9.98 -10.43 0.09
CA LEU C 104 -10.93 -11.45 0.51
C LEU C 104 -10.81 -11.75 2.00
N ASN C 105 -9.60 -11.68 2.55
CA ASN C 105 -9.42 -11.95 3.97
C ASN C 105 -10.20 -10.98 4.83
N TYR C 106 -10.60 -9.84 4.30
CA TYR C 106 -11.45 -8.90 5.01
C TYR C 106 -12.93 -9.21 4.84
N TYR C 107 -13.27 -10.21 4.04
CA TYR C 107 -14.65 -10.65 3.87
C TYR C 107 -14.74 -12.15 4.12
N THR C 108 -15.93 -12.61 4.46
CA THR C 108 -16.15 -14.02 4.75
C THR C 108 -16.61 -14.79 3.53
N HIS C 109 -17.48 -14.19 2.73
CA HIS C 109 -18.07 -14.85 1.57
C HIS C 109 -17.56 -14.19 0.30
N TRP C 110 -17.21 -15.01 -0.68
CA TRP C 110 -16.77 -14.53 -1.97
C TRP C 110 -17.37 -15.38 -3.07
N ALA C 111 -17.71 -14.75 -4.19
CA ALA C 111 -18.34 -15.45 -5.30
C ALA C 111 -17.99 -14.73 -6.58
N GLY C 112 -17.32 -15.42 -7.49
CA GLY C 112 -17.04 -14.84 -8.78
C GLY C 112 -16.08 -15.70 -9.58
N SER C 113 -15.98 -15.34 -10.85
CA SER C 113 -15.03 -16.00 -11.74
C SER C 113 -13.65 -15.39 -11.56
N LEU C 114 -12.65 -16.24 -11.37
CA LEU C 114 -11.29 -15.77 -11.19
C LEU C 114 -10.58 -15.68 -12.54
N LYS C 115 -9.38 -15.11 -12.52
CA LYS C 115 -8.61 -14.92 -13.75
C LYS C 115 -7.14 -15.08 -13.42
N PHE C 116 -6.50 -16.09 -13.99
CA PHE C 116 -5.09 -16.38 -13.74
C PHE C 116 -4.32 -16.11 -15.03
N THR C 117 -3.60 -15.00 -15.06
CA THR C 117 -2.76 -14.66 -16.19
C THR C 117 -1.34 -15.15 -15.90
N PHE C 118 -0.91 -16.14 -16.66
CA PHE C 118 0.43 -16.70 -16.52
C PHE C 118 1.32 -16.09 -17.60
N LEU C 119 2.38 -15.42 -17.17
CA LEU C 119 3.31 -14.73 -18.06
C LEU C 119 4.60 -15.52 -18.16
N PHE C 120 5.08 -15.69 -19.38
CA PHE C 120 6.32 -16.42 -19.65
C PHE C 120 7.48 -15.44 -19.65
N CYS C 121 8.52 -15.76 -18.88
CA CYS C 121 9.70 -14.90 -18.77
C CYS C 121 10.94 -15.57 -19.35
N GLY C 122 10.75 -16.45 -20.34
CA GLY C 122 11.85 -17.07 -21.04
C GLY C 122 12.30 -16.25 -22.24
N SER C 123 13.23 -16.82 -22.99
CA SER C 123 13.74 -16.16 -24.18
C SER C 123 12.69 -16.17 -25.29
N MET C 124 12.83 -15.22 -26.21
CA MET C 124 11.93 -15.16 -27.35
C MET C 124 12.10 -16.37 -28.25
N MET C 125 13.29 -16.97 -28.24
CA MET C 125 13.52 -18.19 -29.01
C MET C 125 13.03 -19.43 -28.30
N ALA C 126 12.48 -19.30 -27.10
CA ALA C 126 11.94 -20.42 -26.35
C ALA C 126 10.46 -20.59 -26.65
N THR C 127 10.07 -21.79 -27.08
CA THR C 127 8.70 -22.09 -27.43
C THR C 127 8.25 -23.34 -26.67
N GLY C 128 6.94 -23.47 -26.53
CA GLY C 128 6.37 -24.61 -25.85
C GLY C 128 4.89 -24.40 -25.63
N LYS C 129 4.24 -25.46 -25.18
CA LYS C 129 2.82 -25.45 -24.88
C LYS C 129 2.62 -25.84 -23.42
N ILE C 130 1.97 -24.96 -22.67
CA ILE C 130 1.62 -25.20 -21.27
C ILE C 130 0.12 -25.39 -21.20
N LEU C 131 -0.32 -26.51 -20.63
CA LEU C 131 -1.73 -26.76 -20.40
C LEU C 131 -2.08 -26.26 -19.01
N VAL C 132 -2.88 -25.21 -18.94
CA VAL C 132 -3.35 -24.66 -17.67
C VAL C 132 -4.77 -25.14 -17.48
N ALA C 133 -5.00 -25.92 -16.43
CA ALA C 133 -6.27 -26.61 -16.22
C ALA C 133 -6.87 -26.23 -14.88
N TYR C 134 -8.15 -25.90 -14.91
CA TYR C 134 -8.97 -25.76 -13.72
C TYR C 134 -9.89 -26.98 -13.64
N ALA C 135 -9.79 -27.70 -12.53
CA ALA C 135 -10.64 -28.84 -12.25
C ALA C 135 -11.50 -28.52 -11.04
N PRO C 136 -12.81 -28.35 -11.20
CA PRO C 136 -13.66 -28.13 -10.05
C PRO C 136 -13.49 -29.23 -9.04
N PRO C 137 -13.82 -28.97 -7.78
CA PRO C 137 -13.57 -29.98 -6.73
C PRO C 137 -14.49 -31.17 -6.84
N GLY C 138 -14.38 -32.09 -5.88
CA GLY C 138 -15.21 -33.26 -5.86
C GLY C 138 -14.58 -34.48 -6.49
N ALA C 139 -13.32 -34.39 -6.91
CA ALA C 139 -12.62 -35.52 -7.50
C ALA C 139 -11.15 -35.44 -7.09
N GLN C 140 -10.37 -36.41 -7.55
CA GLN C 140 -8.96 -36.41 -7.24
C GLN C 140 -8.31 -35.16 -7.84
N PRO C 141 -7.37 -34.54 -7.14
CA PRO C 141 -6.64 -33.43 -7.74
C PRO C 141 -5.92 -33.88 -9.00
N PRO C 142 -5.82 -33.02 -10.00
CA PRO C 142 -5.18 -33.45 -11.26
C PRO C 142 -3.69 -33.65 -11.13
N THR C 143 -3.29 -34.82 -10.63
CA THR C 143 -1.88 -35.13 -10.50
C THR C 143 -1.21 -35.42 -11.83
N SER C 144 -1.99 -35.65 -12.88
CA SER C 144 -1.44 -35.95 -14.20
C SER C 144 -2.15 -35.10 -15.25
N ARG C 145 -1.49 -34.90 -16.38
CA ARG C 145 -2.07 -34.10 -17.44
C ARG C 145 -3.29 -34.78 -18.05
N LYS C 146 -3.30 -36.10 -18.06
CA LYS C 146 -4.46 -36.83 -18.58
C LYS C 146 -5.70 -36.58 -17.72
N GLU C 147 -5.51 -36.38 -16.41
CA GLU C 147 -6.61 -36.04 -15.55
C GLU C 147 -6.94 -34.55 -15.61
N ALA C 148 -5.93 -33.72 -15.85
CA ALA C 148 -6.16 -32.28 -15.89
C ALA C 148 -6.90 -31.86 -17.15
N MET C 149 -6.65 -32.54 -18.27
CA MET C 149 -7.33 -32.19 -19.51
C MET C 149 -8.78 -32.63 -19.54
N LEU C 150 -9.27 -33.29 -18.49
CA LEU C 150 -10.67 -33.66 -18.46
C LEU C 150 -11.53 -32.49 -18.02
N GLY C 151 -11.03 -31.66 -17.11
CA GLY C 151 -11.72 -30.47 -16.68
C GLY C 151 -11.47 -29.30 -17.61
N THR C 152 -11.84 -28.12 -17.12
CA THR C 152 -11.59 -26.92 -17.90
C THR C 152 -10.09 -26.77 -18.11
N HIS C 153 -9.69 -26.34 -19.31
CA HIS C 153 -8.27 -26.24 -19.59
C HIS C 153 -8.06 -25.37 -20.81
N VAL C 154 -6.83 -24.87 -20.93
CA VAL C 154 -6.44 -24.03 -22.04
C VAL C 154 -4.98 -24.31 -22.37
N ILE C 155 -4.70 -24.47 -23.65
CA ILE C 155 -3.33 -24.66 -24.13
C ILE C 155 -2.74 -23.29 -24.44
N TRP C 156 -1.53 -23.05 -23.95
CA TRP C 156 -0.87 -21.76 -24.05
C TRP C 156 0.44 -21.96 -24.79
N ASP C 157 0.56 -21.40 -25.98
CA ASP C 157 1.78 -21.49 -26.75
C ASP C 157 2.72 -20.39 -26.29
N LEU C 158 3.88 -20.78 -25.74
CA LEU C 158 4.82 -19.80 -25.22
C LEU C 158 5.42 -18.95 -26.32
N GLY C 159 5.45 -19.44 -27.55
CA GLY C 159 6.02 -18.69 -28.65
C GLY C 159 5.10 -17.60 -29.16
N LEU C 160 3.83 -17.94 -29.32
CA LEU C 160 2.88 -16.97 -29.87
C LEU C 160 2.61 -15.85 -28.86
N GLN C 161 2.09 -16.20 -27.70
CA GLN C 161 1.73 -15.23 -26.67
C GLN C 161 2.55 -15.50 -25.41
N SER C 162 3.11 -14.44 -24.84
CA SER C 162 3.90 -14.56 -23.63
C SER C 162 3.04 -14.62 -22.36
N SER C 163 1.76 -14.29 -22.45
CA SER C 163 0.87 -14.34 -21.30
C SER C 163 -0.45 -14.95 -21.72
N CYS C 164 -0.92 -15.92 -20.93
CA CYS C 164 -2.19 -16.59 -21.19
C CYS C 164 -3.15 -16.34 -20.03
N THR C 165 -4.39 -15.98 -20.37
CA THR C 165 -5.42 -15.69 -19.38
C THR C 165 -6.31 -16.92 -19.23
N MET C 166 -6.15 -17.63 -18.12
CA MET C 166 -6.99 -18.77 -17.76
C MET C 166 -8.11 -18.24 -16.88
N VAL C 167 -9.29 -18.05 -17.47
CA VAL C 167 -10.44 -17.58 -16.71
C VAL C 167 -11.11 -18.77 -16.07
N VAL C 168 -11.23 -18.73 -14.74
CA VAL C 168 -11.92 -19.77 -13.98
C VAL C 168 -13.37 -19.34 -13.83
N PRO C 169 -14.30 -19.93 -14.59
CA PRO C 169 -15.69 -19.50 -14.48
C PRO C 169 -16.25 -19.78 -13.09
N TRP C 170 -17.24 -19.00 -12.71
CA TRP C 170 -17.88 -19.20 -11.41
C TRP C 170 -18.78 -20.42 -11.44
N ILE C 171 -18.25 -21.56 -11.02
CA ILE C 171 -19.02 -22.79 -10.88
C ILE C 171 -18.96 -23.20 -9.42
N SER C 172 -20.12 -23.21 -8.77
CA SER C 172 -20.18 -23.54 -7.36
C SER C 172 -21.59 -24.01 -7.03
N ASN C 173 -21.69 -24.88 -6.03
CA ASN C 173 -22.99 -25.30 -5.54
C ASN C 173 -23.64 -24.19 -4.74
N VAL C 174 -22.91 -23.60 -3.81
CA VAL C 174 -23.41 -22.48 -3.04
C VAL C 174 -23.27 -21.20 -3.85
N THR C 175 -24.16 -20.24 -3.57
CA THR C 175 -24.08 -18.96 -4.25
C THR C 175 -22.80 -18.22 -3.88
N TYR C 176 -22.27 -18.48 -2.70
CA TYR C 176 -21.05 -17.83 -2.23
C TYR C 176 -20.19 -18.83 -1.48
N ARG C 177 -18.92 -18.93 -1.87
CA ARG C 177 -18.00 -19.76 -1.12
C ARG C 177 -17.45 -18.99 0.07
N GLN C 178 -16.95 -19.73 1.05
CA GLN C 178 -16.31 -19.12 2.19
C GLN C 178 -14.85 -18.82 1.88
N THR C 179 -14.32 -17.80 2.55
CA THR C 179 -12.92 -17.45 2.36
C THR C 179 -11.98 -18.37 3.11
N THR C 180 -12.46 -19.03 4.15
CA THR C 180 -11.65 -20.02 4.85
C THR C 180 -11.51 -21.29 4.03
N GLN C 181 -10.55 -22.12 4.42
CA GLN C 181 -10.38 -23.42 3.80
C GLN C 181 -11.39 -24.38 4.41
N ASP C 182 -12.39 -24.76 3.62
CA ASP C 182 -13.39 -25.72 4.06
C ASP C 182 -13.82 -26.53 2.84
N SER C 183 -14.07 -27.81 3.06
CA SER C 183 -14.27 -28.74 1.96
C SER C 183 -15.64 -28.59 1.30
N PHE C 184 -16.59 -27.93 1.94
CA PHE C 184 -17.91 -27.79 1.34
C PHE C 184 -17.92 -26.69 0.29
N THR C 185 -17.29 -25.56 0.59
CA THR C 185 -17.20 -24.44 -0.35
C THR C 185 -15.83 -24.34 -1.00
N GLU C 186 -15.12 -25.46 -1.09
CA GLU C 186 -13.83 -25.46 -1.76
C GLU C 186 -14.00 -25.05 -3.23
N GLY C 187 -13.00 -24.34 -3.74
CA GLY C 187 -13.12 -23.74 -5.06
C GLY C 187 -12.80 -24.68 -6.20
N GLY C 188 -11.73 -25.44 -6.08
CA GLY C 188 -11.29 -26.29 -7.15
C GLY C 188 -9.78 -26.51 -7.08
N TYR C 189 -9.20 -26.80 -8.23
CA TYR C 189 -7.78 -27.10 -8.33
C TYR C 189 -7.23 -26.53 -9.63
N ILE C 190 -6.25 -25.63 -9.53
CA ILE C 190 -5.56 -25.09 -10.69
C ILE C 190 -4.23 -25.82 -10.82
N SER C 191 -3.94 -26.29 -12.03
CA SER C 191 -2.71 -27.01 -12.30
C SER C 191 -2.15 -26.59 -13.64
N MET C 192 -0.85 -26.83 -13.82
CA MET C 192 -0.19 -26.59 -15.09
C MET C 192 0.67 -27.80 -15.45
N PHE C 193 0.61 -28.19 -16.71
CA PHE C 193 1.38 -29.31 -17.23
C PHE C 193 2.04 -28.89 -18.53
N TYR C 194 2.99 -29.71 -18.98
CA TYR C 194 3.66 -29.48 -20.27
C TYR C 194 2.91 -30.25 -21.33
N GLN C 195 2.09 -29.54 -22.13
CA GLN C 195 1.47 -30.17 -23.28
C GLN C 195 2.55 -30.60 -24.28
N THR C 196 3.45 -29.67 -24.61
CA THR C 196 4.68 -29.96 -25.32
C THR C 196 5.81 -29.29 -24.59
N ARG C 197 6.88 -30.03 -24.32
CA ARG C 197 7.98 -29.48 -23.54
C ARG C 197 8.51 -28.20 -24.18
N ILE C 198 9.21 -27.42 -23.36
CA ILE C 198 9.86 -26.21 -23.87
C ILE C 198 11.02 -26.61 -24.75
N VAL C 199 11.07 -26.05 -25.95
CA VAL C 199 12.12 -26.32 -26.93
C VAL C 199 12.93 -25.05 -27.09
N VAL C 200 14.21 -25.12 -26.73
CA VAL C 200 15.10 -23.97 -26.81
C VAL C 200 16.29 -24.32 -27.69
N PRO C 201 16.75 -23.41 -28.53
CA PRO C 201 17.95 -23.68 -29.34
C PRO C 201 19.20 -23.51 -28.51
N LEU C 202 20.35 -23.65 -29.17
CA LEU C 202 21.62 -23.47 -28.49
C LEU C 202 21.80 -22.00 -28.11
N SER C 203 22.71 -21.76 -27.17
CA SER C 203 22.99 -20.41 -26.68
C SER C 203 21.73 -19.75 -26.14
N THR C 204 20.85 -20.54 -25.54
CA THR C 204 19.61 -20.05 -24.94
C THR C 204 19.48 -20.63 -23.54
N PRO C 205 19.06 -19.83 -22.56
CA PRO C 205 18.89 -20.37 -21.21
C PRO C 205 17.86 -21.48 -21.18
N LYS C 206 18.32 -22.67 -20.82
CA LYS C 206 17.43 -23.83 -20.81
C LYS C 206 16.37 -23.73 -19.73
N SER C 207 16.71 -23.14 -18.58
CA SER C 207 15.78 -22.99 -17.47
C SER C 207 15.31 -21.55 -17.42
N MET C 208 14.00 -21.34 -17.57
CA MET C 208 13.40 -20.02 -17.53
C MET C 208 12.34 -19.99 -16.46
N SER C 209 12.05 -18.80 -15.96
CA SER C 209 11.03 -18.60 -14.96
C SER C 209 9.75 -18.06 -15.59
N MET C 210 8.67 -18.08 -14.82
CA MET C 210 7.41 -17.51 -15.24
C MET C 210 6.72 -16.90 -14.02
N LEU C 211 5.73 -16.06 -14.30
CA LEU C 211 4.98 -15.37 -13.27
C LEU C 211 3.49 -15.72 -13.39
N GLY C 212 2.79 -15.59 -12.27
CA GLY C 212 1.36 -15.81 -12.26
C GLY C 212 0.62 -14.69 -11.54
N PHE C 213 -0.41 -14.14 -12.17
CA PHE C 213 -1.16 -13.02 -11.64
C PHE C 213 -2.61 -13.41 -11.48
N VAL C 214 -3.13 -13.32 -10.27
CA VAL C 214 -4.53 -13.63 -9.99
C VAL C 214 -5.34 -12.35 -9.97
N SER C 215 -6.56 -12.43 -10.49
CA SER C 215 -7.42 -11.26 -10.63
C SER C 215 -8.87 -11.71 -10.51
N ALA C 216 -9.73 -10.74 -10.26
CA ALA C 216 -11.16 -10.95 -10.19
C ALA C 216 -11.84 -10.41 -11.44
N CYS C 217 -12.90 -11.07 -11.85
CA CYS C 217 -13.68 -10.64 -12.99
C CYS C 217 -14.75 -9.64 -12.55
N ASN C 218 -15.50 -9.12 -13.52
CA ASN C 218 -16.55 -8.16 -13.20
C ASN C 218 -17.66 -8.78 -12.37
N ASP C 219 -17.92 -10.07 -12.56
CA ASP C 219 -18.95 -10.76 -11.80
C ASP C 219 -18.51 -11.05 -10.37
N PHE C 220 -17.26 -10.79 -10.04
CA PHE C 220 -16.75 -11.13 -8.72
C PHE C 220 -17.29 -10.18 -7.66
N SER C 221 -17.65 -10.74 -6.51
CA SER C 221 -18.21 -9.96 -5.42
C SER C 221 -17.90 -10.68 -4.11
N VAL C 222 -18.05 -9.94 -3.01
CA VAL C 222 -17.81 -10.47 -1.67
C VAL C 222 -18.88 -9.90 -0.73
N ARG C 223 -18.97 -10.51 0.44
CA ARG C 223 -19.90 -10.05 1.46
C ARG C 223 -19.47 -10.61 2.81
N LEU C 224 -20.11 -10.10 3.85
CA LEU C 224 -19.80 -10.42 5.24
C LEU C 224 -18.39 -9.95 5.60
N LEU C 225 -18.20 -8.63 5.52
CA LEU C 225 -16.95 -8.00 5.92
C LEU C 225 -16.46 -8.55 7.24
N ARG C 226 -15.14 -8.61 7.39
CA ARG C 226 -14.54 -9.20 8.59
C ARG C 226 -13.10 -8.71 8.71
N ASP C 227 -12.43 -9.18 9.76
CA ASP C 227 -11.05 -8.79 10.03
C ASP C 227 -10.10 -9.79 9.41
N THR C 228 -9.06 -9.26 8.78
CA THR C 228 -8.07 -10.11 8.13
C THR C 228 -7.23 -10.83 9.17
N THR C 229 -6.84 -12.06 8.84
CA THR C 229 -5.94 -12.83 9.69
C THR C 229 -4.48 -12.47 9.47
N HIS C 230 -4.18 -11.77 8.37
CA HIS C 230 -2.79 -11.45 8.06
C HIS C 230 -2.18 -10.55 9.12
N ILE C 231 -2.74 -9.35 9.28
CA ILE C 231 -2.14 -8.37 10.16
C ILE C 231 -2.33 -8.78 11.62
N SER C 232 -1.39 -8.36 12.46
CA SER C 232 -1.43 -8.68 13.88
C SER C 232 -0.78 -7.54 14.66
N GLN C 233 -1.01 -7.56 15.97
CA GLN C 233 -0.46 -6.52 16.85
C GLN C 233 -0.19 -7.15 18.21
N SER C 234 1.07 -7.28 18.57
CA SER C 234 1.44 -7.86 19.85
C SER C 234 1.07 -6.90 20.99
N ALA C 235 0.37 -7.41 21.98
CA ALA C 235 -0.07 -6.59 23.11
C ALA C 235 -0.25 -7.46 24.35
C1 SPH D . -2.11 10.18 8.47
O1 SPH D . -2.15 11.38 7.72
C2 SPH D . -3.35 10.02 9.35
N2 SPH D . -3.02 10.27 10.74
C3 SPH D . -4.49 10.93 8.92
O3 SPH D . -4.65 10.89 7.53
C4 SPH D . -5.75 10.51 9.60
C5 SPH D . -6.83 11.43 9.70
C6 SPH D . -8.10 11.04 10.40
C7 SPH D . -8.03 11.46 11.86
C8 SPH D . -8.39 12.93 11.99
C9 SPH D . -9.48 13.14 13.04
C10 SPH D . -9.11 14.26 14.01
C11 SPH D . -10.33 15.09 14.38
C12 SPH D . -10.55 15.09 15.89
C13 SPH D . -12.04 15.17 16.21
C14 SPH D . -12.36 14.56 17.56
C15 SPH D . -13.09 15.57 18.43
C16 SPH D . -13.24 15.02 19.84
C17 SPH D . -14.11 15.94 20.67
C18 SPH D . -14.63 15.18 21.85
#